data_5AWA
#
_entry.id   5AWA
#
_cell.length_a   139.057
_cell.length_b   102.379
_cell.length_c   72.077
_cell.angle_alpha   90.00
_cell.angle_beta   106.82
_cell.angle_gamma   90.00
#
_symmetry.space_group_name_H-M   'C 1 2 1'
#
loop_
_entity.id
_entity.type
_entity.pdbx_description
1 polymer 'Toll-like receptor 8'
2 branched alpha-D-mannopyranose-(1-3)-[alpha-D-mannopyranose-(1-6)]beta-D-mannopyranose-(1-4)-2-acetamido-2-deoxy-beta-D-glucopyranose-(1-4)-2-acetamido-2-deoxy-beta-D-glucopyranose
3 branched 2-acetamido-2-deoxy-beta-D-glucopyranose-(1-4)-2-acetamido-2-deoxy-beta-D-glucopyranose
4 branched beta-D-mannopyranose-(1-4)-2-acetamido-2-deoxy-beta-D-glucopyranose-(1-4)-2-acetamido-2-deoxy-beta-D-glucopyranose
5 non-polymer 5-[[3-(aminomethyl)phenyl]methyl]-3-pentyl-quinolin-2-amine
6 non-polymer 2-acetamido-2-deoxy-beta-D-glucopyranose
7 water water
#
_entity_poly.entity_id   1
_entity_poly.type   'polypeptide(L)'
_entity_poly.pdbx_seq_one_letter_code
;RSPWEENFSRSYPCDEKKQNDSVIAECSNRRLQEVPQTVGKYVTELDLSDNFITHITNESFQGLQNLTKINLNHNPNVQH
QNGNPGIQSNGLNITDGAFLNLKNLRELLLEDNQLPQIPSGLPESLTELSLIQNNIYNITKEGISRLINLKNLYLAWNCY
FNKVCEKTNIEDGVFETLTNLELLSLSFNSLSHVPPKLPSSLRKLFLSNTQIKYISEEDFKGLINLTLLDLSGNCPRCFN
APFPCVPCDGGASINIDRFAFQNLTQLRYLNLSSTSLRKINAAWFKNMPHLKVLDLEFNYLVGEIASGAFLTMLPRLEIL
DLSFNYIKGSYPQHINISRNFSKLLSLRALHLRGYVFQELREDDFQPLMQLPNLSTINLGINFIKQIDFKLFQNFSNLEI
IYLSENRISPLVKDTRQSYANSSSFQRHIRKRRSTDFEFDPHSNFYHFTRPLIKPQCAAYGKALDLSLNSIFFIGPNQFE
NLPDIACLNLSANSNAQVLSGTEFSAIPHVKYLDLTNNRLDFDNASALTELSDLEVLDLSYNSHYFRIAGVTHHLEFIQN
FTNLKVLNLSHNNIYTLTDKYNLESKSLVELVFSGNRLDILWNDDDNRYISIFKGLKNLTRLDLSLNRLKHIPNEAFLNL
PASLTELHINDNMLKFFNWTLLQQFPRLELLDLRGNKLLFLTDSLSDFTSSLRTLLLSHNRISHLPSGFLSEVSSLKHLD
LSSNLLKTINKSALETKTTTKLSMLELHGNPFECTCDIGDFRRWMDEHLNVKIPRLVDVICASPGDQRGKSIVSLELTTC
VSDVTEFLVPR
;
_entity_poly.pdbx_strand_id   A
#
# COMPACT_ATOMS: atom_id res chain seq x y z
N ARG A 10 3.85 20.68 -25.58
CA ARG A 10 4.68 20.51 -24.33
C ARG A 10 4.48 21.62 -23.29
N SER A 11 3.78 21.27 -22.20
CA SER A 11 3.49 22.20 -21.12
C SER A 11 4.67 22.42 -20.22
N TYR A 12 4.62 23.53 -19.49
CA TYR A 12 5.62 23.85 -18.47
C TYR A 12 4.96 24.84 -17.50
N PRO A 13 5.16 24.71 -16.18
CA PRO A 13 6.03 23.71 -15.58
C PRO A 13 5.30 22.41 -15.25
N CYS A 14 4.03 22.32 -15.58
CA CYS A 14 3.25 21.17 -15.20
C CYS A 14 3.42 20.15 -16.27
N ASP A 15 2.92 18.95 -16.00
CA ASP A 15 2.84 17.87 -16.98
C ASP A 15 1.37 17.50 -17.10
N GLU A 16 0.81 17.60 -18.30
CA GLU A 16 -0.62 17.41 -18.50
C GLU A 16 -0.98 15.99 -18.90
N LYS A 17 -2.27 15.69 -18.86
CA LYS A 17 -2.80 14.45 -19.43
C LYS A 17 -4.28 14.65 -19.77
N LYS A 18 -4.92 13.57 -20.22
CA LYS A 18 -6.35 13.56 -20.51
C LYS A 18 -6.97 12.28 -19.93
N GLN A 19 -7.73 12.41 -18.84
CA GLN A 19 -8.52 11.29 -18.32
C GLN A 19 -9.93 11.27 -18.93
N SER A 22 -11.98 16.75 -17.88
CA SER A 22 -11.14 15.56 -17.95
C SER A 22 -9.73 15.92 -18.43
N VAL A 23 -9.20 17.07 -18.01
CA VAL A 23 -7.84 17.47 -18.41
C VAL A 23 -7.01 17.96 -17.23
N ILE A 24 -5.99 17.17 -16.90
CA ILE A 24 -5.36 17.18 -15.59
C ILE A 24 -3.94 17.72 -15.68
N ALA A 25 -3.66 18.86 -15.06
CA ALA A 25 -2.28 19.37 -14.96
C ALA A 25 -1.52 18.94 -13.68
N GLU A 26 -0.96 17.73 -13.71
CA GLU A 26 -0.21 17.23 -12.58
C GLU A 26 0.96 18.20 -12.35
N CYS A 27 0.87 19.03 -11.31
CA CYS A 27 1.91 20.05 -11.07
C CYS A 27 2.50 19.93 -9.65
N SER A 28 2.54 18.70 -9.15
CA SER A 28 3.00 18.41 -7.80
C SER A 28 4.51 18.57 -7.63
N ASN A 29 4.92 18.91 -6.42
CA ASN A 29 6.31 18.72 -6.00
C ASN A 29 7.41 19.43 -6.85
N ARG A 30 7.04 20.42 -7.65
CA ARG A 30 7.98 20.98 -8.62
C ARG A 30 8.81 22.12 -8.05
N ARG A 31 8.81 22.31 -6.72
CA ARG A 31 9.45 23.50 -6.17
C ARG A 31 8.92 24.84 -6.76
N LEU A 32 7.65 24.88 -7.18
CA LEU A 32 7.05 26.12 -7.70
C LEU A 32 6.89 27.11 -6.55
N GLN A 33 7.29 28.36 -6.80
CA GLN A 33 7.25 29.40 -5.76
C GLN A 33 5.99 30.23 -5.78
N GLU A 34 5.21 30.10 -6.84
CA GLU A 34 3.91 30.74 -6.93
C GLU A 34 3.14 30.01 -8.00
N VAL A 35 1.82 30.15 -8.01
CA VAL A 35 0.99 29.51 -9.00
C VAL A 35 1.58 29.87 -10.38
N PRO A 36 1.70 28.87 -11.28
CA PRO A 36 2.28 29.15 -12.58
C PRO A 36 1.32 29.92 -13.50
N GLN A 37 1.84 30.94 -14.17
CA GLN A 37 1.08 31.69 -15.18
C GLN A 37 0.80 30.81 -16.39
N THR A 38 1.78 29.95 -16.70
CA THR A 38 1.89 29.18 -17.95
C THR A 38 1.12 27.85 -18.02
N VAL A 39 -0.08 27.80 -17.45
CA VAL A 39 -0.88 26.58 -17.47
C VAL A 39 -1.71 26.58 -18.74
N GLY A 40 -1.94 25.40 -19.31
CA GLY A 40 -2.77 25.27 -20.52
C GLY A 40 -4.24 25.67 -20.30
N LYS A 41 -4.86 26.26 -21.31
CA LYS A 41 -6.19 26.87 -21.14
C LYS A 41 -7.35 25.86 -21.23
N TYR A 42 -7.09 24.62 -21.62
CA TYR A 42 -8.10 23.55 -21.51
C TYR A 42 -7.98 22.80 -20.19
N VAL A 43 -7.07 23.24 -19.33
CA VAL A 43 -6.84 22.55 -18.06
C VAL A 43 -8.08 22.69 -17.17
N THR A 44 -8.46 21.58 -16.53
CA THR A 44 -9.64 21.55 -15.64
C THR A 44 -9.20 21.29 -14.17
N GLU A 45 -8.48 20.20 -13.92
CA GLU A 45 -7.97 19.86 -12.58
C GLU A 45 -6.49 20.23 -12.46
N LEU A 46 -6.17 21.11 -11.53
CA LEU A 46 -4.80 21.54 -11.35
C LEU A 46 -4.23 21.12 -9.99
N ASP A 47 -3.49 20.01 -9.96
CA ASP A 47 -2.83 19.60 -8.73
C ASP A 47 -1.52 20.37 -8.53
N LEU A 48 -1.48 21.19 -7.49
CA LEU A 48 -0.32 22.02 -7.17
C LEU A 48 0.30 21.77 -5.80
N SER A 49 0.05 20.59 -5.25
CA SER A 49 0.57 20.26 -3.95
C SER A 49 2.09 20.17 -3.84
N ASP A 50 2.56 20.25 -2.60
CA ASP A 50 3.95 19.99 -2.28
C ASP A 50 4.88 20.94 -3.00
N ASN A 51 4.46 22.19 -3.08
CA ASN A 51 5.27 23.20 -3.69
C ASN A 51 5.66 24.21 -2.65
N PHE A 52 6.34 25.27 -3.07
CA PHE A 52 6.74 26.34 -2.16
C PHE A 52 5.86 27.58 -2.32
N ILE A 53 4.55 27.34 -2.48
CA ILE A 53 3.59 28.43 -2.62
C ILE A 53 3.34 29.06 -1.24
N THR A 54 3.55 30.37 -1.14
CA THR A 54 3.37 31.09 0.11
C THR A 54 2.17 32.04 0.08
N HIS A 55 1.86 32.61 -1.09
CA HIS A 55 0.78 33.60 -1.22
C HIS A 55 -0.22 33.18 -2.29
N ILE A 56 -1.49 33.50 -2.06
CA ILE A 56 -2.53 33.30 -3.07
C ILE A 56 -3.44 34.52 -3.07
N THR A 57 -3.55 35.16 -4.24
CA THR A 57 -4.43 36.31 -4.46
C THR A 57 -5.51 35.99 -5.52
N ASN A 58 -6.37 36.97 -5.82
CA ASN A 58 -7.40 36.77 -6.85
C ASN A 58 -6.76 36.58 -8.24
N GLU A 59 -5.59 37.23 -8.40
CA GLU A 59 -4.84 37.31 -9.66
C GLU A 59 -3.81 36.19 -9.78
N SER A 60 -3.97 35.11 -9.02
CA SER A 60 -3.14 33.90 -9.14
C SER A 60 -3.73 32.95 -10.18
N PHE A 61 -5.06 32.82 -10.19
CA PHE A 61 -5.76 32.00 -11.19
C PHE A 61 -6.48 32.86 -12.24
N GLN A 62 -5.90 34.01 -12.60
CA GLN A 62 -6.55 35.06 -13.41
C GLN A 62 -7.46 34.56 -14.54
N GLY A 63 -6.92 33.66 -15.36
CA GLY A 63 -7.58 33.21 -16.58
C GLY A 63 -7.43 31.71 -16.69
N LEU A 64 -7.99 31.01 -15.70
CA LEU A 64 -8.04 29.57 -15.70
C LEU A 64 -9.44 29.13 -15.28
N GLN A 65 -10.31 29.05 -16.29
CA GLN A 65 -11.73 28.84 -16.11
C GLN A 65 -12.05 27.43 -16.51
N ASN A 66 -13.07 26.88 -15.87
CA ASN A 66 -13.41 25.48 -16.07
C ASN A 66 -12.42 24.57 -15.31
N LEU A 67 -11.44 25.16 -14.62
CA LEU A 67 -10.82 24.49 -13.46
C LEU A 67 -11.97 24.10 -12.54
N THR A 68 -12.29 22.82 -12.49
CA THR A 68 -13.26 22.37 -11.52
C THR A 68 -12.61 21.59 -10.34
N LYS A 69 -11.29 21.67 -10.22
CA LYS A 69 -10.59 21.12 -9.08
C LYS A 69 -9.28 21.85 -8.90
N ILE A 70 -8.98 22.21 -7.66
CA ILE A 70 -7.66 22.66 -7.26
C ILE A 70 -7.17 21.82 -6.08
N ASN A 71 -5.86 21.58 -6.03
CA ASN A 71 -5.24 20.94 -4.90
C ASN A 71 -4.06 21.81 -4.48
N LEU A 72 -4.17 22.48 -3.34
CA LEU A 72 -3.00 23.21 -2.83
C LEU A 72 -2.40 22.62 -1.56
N ASN A 73 -2.67 21.33 -1.32
CA ASN A 73 -2.05 20.63 -0.18
C ASN A 73 -0.55 20.86 -0.02
N HIS A 74 -0.11 20.82 1.23
CA HIS A 74 1.27 21.02 1.58
C HIS A 74 1.98 22.17 0.84
N ASN A 75 1.41 23.37 0.97
CA ASN A 75 2.08 24.59 0.51
C ASN A 75 2.33 25.60 1.65
N PRO A 76 3.58 25.91 1.96
CA PRO A 76 4.77 25.38 1.28
C PRO A 76 5.26 24.05 1.85
N ASN A 77 6.23 23.44 1.16
CA ASN A 77 6.78 22.11 1.52
C ASN A 77 7.97 22.20 2.49
N GLY A 91 3.41 29.20 6.45
CA GLY A 91 2.00 28.88 6.16
C GLY A 91 1.38 29.74 5.06
N LEU A 92 0.43 29.15 4.33
CA LEU A 92 -0.12 29.75 3.10
C LEU A 92 -1.03 30.96 3.36
N ASN A 93 -0.66 32.16 2.88
CA ASN A 93 -1.51 33.37 2.95
C ASN A 93 -2.46 33.44 1.76
N ILE A 94 -3.74 33.26 2.05
CA ILE A 94 -4.82 33.32 1.06
C ILE A 94 -5.66 34.57 1.32
N THR A 95 -5.73 35.50 0.36
CA THR A 95 -6.62 36.64 0.52
C THR A 95 -8.08 36.21 0.38
N ASP A 96 -8.97 37.09 0.83
CA ASP A 96 -10.39 36.79 0.92
C ASP A 96 -10.97 36.84 -0.48
N GLY A 97 -11.82 35.87 -0.82
CA GLY A 97 -12.33 35.76 -2.17
C GLY A 97 -11.22 35.82 -3.20
N ALA A 98 -10.13 35.13 -2.92
CA ALA A 98 -9.03 35.02 -3.87
C ALA A 98 -9.40 33.96 -4.90
N PHE A 99 -10.34 33.10 -4.52
CA PHE A 99 -10.89 32.06 -5.39
C PHE A 99 -12.29 32.41 -5.88
N LEU A 100 -12.77 33.60 -5.53
CA LEU A 100 -14.19 33.94 -5.72
C LEU A 100 -14.61 33.95 -7.19
N ASN A 101 -13.72 34.44 -8.05
CA ASN A 101 -14.03 34.58 -9.48
C ASN A 101 -13.88 33.33 -10.30
N LEU A 102 -13.48 32.22 -9.67
CA LEU A 102 -13.60 30.93 -10.32
C LEU A 102 -15.02 30.38 -10.14
N LYS A 103 -15.83 30.57 -11.17
CA LYS A 103 -17.24 30.21 -11.13
C LYS A 103 -17.47 28.73 -11.41
N ASN A 104 -16.43 27.99 -11.79
CA ASN A 104 -16.56 26.53 -11.90
C ASN A 104 -15.85 25.75 -10.80
N LEU A 105 -15.07 26.43 -9.97
CA LEU A 105 -14.33 25.70 -8.94
C LEU A 105 -15.24 24.84 -8.12
N ARG A 106 -15.02 23.54 -8.13
CA ARG A 106 -15.90 22.59 -7.45
C ARG A 106 -15.24 21.93 -6.20
N GLU A 107 -14.09 21.28 -6.40
CA GLU A 107 -13.39 20.56 -5.36
C GLU A 107 -12.20 21.44 -5.02
N LEU A 108 -12.08 21.83 -3.75
CA LEU A 108 -10.88 22.57 -3.31
C LEU A 108 -10.26 21.82 -2.11
N LEU A 109 -8.93 21.63 -2.19
CA LEU A 109 -8.18 20.88 -1.21
C LEU A 109 -7.05 21.73 -0.75
N LEU A 110 -7.05 22.11 0.53
CA LEU A 110 -5.97 22.94 1.06
C LEU A 110 -5.52 22.36 2.35
N GLU A 111 -5.27 21.06 2.35
CA GLU A 111 -4.84 20.37 3.54
C GLU A 111 -3.42 20.73 3.89
N ASP A 112 -3.08 20.59 5.17
CA ASP A 112 -1.71 20.74 5.66
C ASP A 112 -1.04 22.07 5.34
N ASN A 113 -1.72 23.18 5.61
CA ASN A 113 -1.19 24.48 5.23
C ASN A 113 -0.99 25.46 6.37
N GLN A 114 -1.20 25.01 7.60
CA GLN A 114 -1.16 25.90 8.75
C GLN A 114 -2.08 27.11 8.54
N LEU A 115 -3.24 26.86 7.95
CA LEU A 115 -4.23 27.91 7.81
C LEU A 115 -4.78 28.27 9.20
N PRO A 116 -4.84 29.57 9.53
CA PRO A 116 -5.36 29.98 10.85
C PRO A 116 -6.87 29.98 10.92
N GLN A 117 -7.49 30.03 9.75
CA GLN A 117 -8.92 30.24 9.65
C GLN A 117 -9.42 29.62 8.39
N ILE A 118 -10.68 29.19 8.38
CA ILE A 118 -11.34 28.93 7.11
C ILE A 118 -11.25 30.19 6.24
N PRO A 119 -10.64 30.09 5.06
CA PRO A 119 -10.48 31.31 4.24
C PRO A 119 -11.81 31.95 3.83
N SER A 120 -11.76 33.28 3.73
CA SER A 120 -12.99 34.06 3.64
C SER A 120 -13.43 34.26 2.20
N GLY A 121 -14.73 34.28 2.00
CA GLY A 121 -15.26 34.59 0.68
C GLY A 121 -14.77 33.60 -0.35
N LEU A 122 -14.97 32.33 -0.05
CA LEU A 122 -14.71 31.27 -1.02
C LEU A 122 -15.86 31.25 -2.02
N PRO A 123 -15.59 30.82 -3.26
CA PRO A 123 -16.61 30.69 -4.31
C PRO A 123 -17.68 29.64 -3.99
N GLU A 124 -18.92 30.09 -3.87
CA GLU A 124 -20.07 29.22 -3.52
C GLU A 124 -20.41 28.08 -4.49
N SER A 125 -19.63 27.89 -5.54
CA SER A 125 -19.73 26.74 -6.45
C SER A 125 -19.12 25.43 -5.90
N LEU A 126 -18.50 25.51 -4.72
CA LEU A 126 -17.75 24.40 -4.12
C LEU A 126 -18.69 23.30 -3.66
N THR A 127 -18.37 22.07 -4.07
CA THR A 127 -19.09 20.85 -3.68
C THR A 127 -18.30 19.95 -2.71
N GLU A 128 -16.98 20.10 -2.69
CA GLU A 128 -16.14 19.29 -1.87
C GLU A 128 -15.09 20.25 -1.33
N LEU A 129 -14.90 20.25 -0.01
CA LEU A 129 -13.91 21.09 0.62
C LEU A 129 -13.09 20.32 1.68
N SER A 130 -11.76 20.45 1.61
CA SER A 130 -10.89 19.75 2.53
C SER A 130 -9.93 20.69 3.20
N LEU A 131 -10.14 20.88 4.50
CA LEU A 131 -9.30 21.74 5.32
C LEU A 131 -8.54 20.99 6.41
N ILE A 132 -8.40 19.68 6.22
CA ILE A 132 -7.70 18.79 7.12
C ILE A 132 -6.31 19.31 7.39
N GLN A 133 -5.86 19.13 8.61
CA GLN A 133 -4.52 19.43 9.02
C GLN A 133 -4.13 20.89 8.88
N ASN A 134 -5.04 21.75 9.32
CA ASN A 134 -4.67 23.13 9.48
C ASN A 134 -4.76 23.57 10.94
N ASN A 135 -4.99 24.87 11.19
CA ASN A 135 -5.05 25.40 12.55
C ASN A 135 -6.33 26.15 12.76
N ILE A 136 -7.41 25.56 12.29
CA ILE A 136 -8.69 26.20 12.27
C ILE A 136 -9.44 25.70 13.51
N TYR A 137 -9.73 26.62 14.43
CA TYR A 137 -10.39 26.30 15.69
C TYR A 137 -11.79 26.95 15.83
N ASN A 138 -12.20 27.64 14.77
CA ASN A 138 -13.42 28.48 14.76
C ASN A 138 -14.14 28.21 13.43
N ILE A 139 -15.30 27.57 13.50
CA ILE A 139 -16.05 27.21 12.31
C ILE A 139 -17.24 28.19 12.19
N THR A 140 -17.10 29.19 11.31
CA THR A 140 -17.98 30.38 11.27
C THR A 140 -18.96 30.40 10.11
N LYS A 141 -20.09 31.09 10.29
CA LYS A 141 -21.06 31.35 9.20
C LYS A 141 -20.43 32.20 8.10
N GLU A 142 -19.51 33.09 8.47
CA GLU A 142 -18.82 33.91 7.50
C GLU A 142 -17.98 33.11 6.49
N GLY A 143 -17.70 31.84 6.76
CA GLY A 143 -16.93 30.98 5.83
C GLY A 143 -17.71 29.84 5.19
N ILE A 144 -18.71 29.31 5.90
CA ILE A 144 -19.35 28.05 5.53
C ILE A 144 -20.80 28.14 5.09
N SER A 145 -21.59 29.04 5.68
CA SER A 145 -23.05 29.01 5.48
C SER A 145 -23.49 29.43 4.07
N ARG A 146 -22.71 30.31 3.44
CA ARG A 146 -22.95 30.71 2.05
C ARG A 146 -22.80 29.54 1.06
N LEU A 147 -21.88 28.62 1.36
CA LEU A 147 -21.49 27.56 0.42
C LEU A 147 -22.55 26.46 0.37
N ILE A 148 -23.74 26.80 -0.15
CA ILE A 148 -24.91 25.87 -0.23
C ILE A 148 -24.70 24.61 -1.01
N ASN A 149 -23.61 24.52 -1.79
CA ASN A 149 -23.35 23.34 -2.64
C ASN A 149 -22.27 22.39 -2.10
N LEU A 150 -22.06 22.37 -0.78
CA LEU A 150 -21.07 21.46 -0.20
C LEU A 150 -21.72 20.12 -0.06
N LYS A 151 -21.07 19.10 -0.60
CA LYS A 151 -21.45 17.68 -0.40
C LYS A 151 -20.58 17.05 0.70
N ASN A 152 -19.30 17.32 0.63
CA ASN A 152 -18.33 16.68 1.47
C ASN A 152 -17.48 17.78 2.05
N LEU A 153 -17.47 17.87 3.38
CA LEU A 153 -16.65 18.86 4.13
C LEU A 153 -15.68 18.16 5.11
N TYR A 154 -14.38 18.34 4.87
CA TYR A 154 -13.34 17.69 5.65
C TYR A 154 -12.64 18.74 6.50
N LEU A 155 -12.82 18.62 7.82
CA LEU A 155 -12.18 19.53 8.78
C LEU A 155 -11.33 18.80 9.84
N ALA A 156 -11.16 17.50 9.68
CA ALA A 156 -10.52 16.65 10.65
C ALA A 156 -9.10 17.01 10.89
N TRP A 157 -8.63 16.62 12.08
CA TRP A 157 -7.25 16.70 12.44
C TRP A 157 -6.77 18.11 12.50
N ASN A 158 -7.50 19.00 13.17
CA ASN A 158 -7.00 20.37 13.40
C ASN A 158 -6.58 20.68 14.83
N CYS A 159 -7.20 20.06 15.82
CA CYS A 159 -6.69 20.19 17.18
C CYS A 159 -6.70 18.87 17.85
N TYR A 160 -5.52 18.33 18.13
CA TYR A 160 -5.45 16.93 18.57
C TYR A 160 -4.17 16.67 19.33
N PHE A 161 -4.16 15.53 20.04
CA PHE A 161 -2.97 15.09 20.81
C PHE A 161 -2.37 16.24 21.64
N ASN A 162 -1.07 16.48 21.56
CA ASN A 162 -0.42 17.53 22.34
C ASN A 162 -0.06 18.72 21.48
N LYS A 163 -0.79 18.90 20.39
CA LYS A 163 -0.64 20.09 19.56
C LYS A 163 -1.00 21.35 20.36
N VAL A 164 -0.27 22.43 20.18
CA VAL A 164 -0.72 23.72 20.69
C VAL A 164 -1.89 24.18 19.80
N CYS A 165 -3.08 24.20 20.38
CA CYS A 165 -4.31 24.58 19.67
C CYS A 165 -5.48 24.80 20.64
N GLU A 166 -6.54 25.40 20.11
CA GLU A 166 -7.66 25.82 20.92
C GLU A 166 -8.86 24.90 20.70
N LYS A 167 -9.71 24.85 21.71
CA LYS A 167 -10.94 24.06 21.64
C LYS A 167 -11.67 24.51 20.39
N THR A 168 -12.41 23.62 19.75
CA THR A 168 -13.04 23.96 18.49
C THR A 168 -14.40 24.62 18.73
N ASN A 169 -14.45 25.93 18.46
CA ASN A 169 -15.69 26.70 18.57
C ASN A 169 -16.51 26.62 17.30
N ILE A 170 -17.69 26.01 17.41
CA ILE A 170 -18.59 25.86 16.28
C ILE A 170 -19.82 26.75 16.39
N GLU A 171 -19.78 27.89 15.68
CA GLU A 171 -20.93 28.81 15.64
C GLU A 171 -22.23 28.06 15.45
N ASP A 172 -23.25 28.41 16.23
CA ASP A 172 -24.50 27.64 16.28
C ASP A 172 -25.23 27.66 14.94
N GLY A 173 -25.73 26.49 14.53
CA GLY A 173 -26.53 26.34 13.31
C GLY A 173 -25.77 26.38 11.98
N VAL A 174 -24.46 26.63 12.04
CA VAL A 174 -23.62 26.91 10.86
C VAL A 174 -23.63 25.83 9.77
N PHE A 175 -24.25 24.68 10.04
CA PHE A 175 -24.34 23.64 9.04
C PHE A 175 -25.75 23.51 8.49
N GLU A 176 -26.78 23.97 9.20
CA GLU A 176 -28.17 23.74 8.75
C GLU A 176 -28.51 24.38 7.41
N THR A 177 -27.77 25.40 6.98
CA THR A 177 -27.94 25.94 5.64
C THR A 177 -27.44 24.99 4.57
N LEU A 178 -26.52 24.10 4.94
CA LEU A 178 -25.93 23.16 4.00
C LEU A 178 -26.82 21.94 3.83
N THR A 179 -27.88 22.13 3.05
CA THR A 179 -28.98 21.17 2.89
C THR A 179 -28.68 20.08 1.84
N ASN A 180 -27.57 20.26 1.13
CA ASN A 180 -26.97 19.24 0.24
C ASN A 180 -25.64 18.69 0.82
N LEU A 181 -25.57 18.56 2.15
CA LEU A 181 -24.36 18.07 2.80
C LEU A 181 -24.52 16.61 3.15
N GLU A 182 -23.59 15.82 2.63
CA GLU A 182 -23.69 14.36 2.69
C GLU A 182 -22.63 13.72 3.61
N LEU A 183 -21.49 14.40 3.71
CA LEU A 183 -20.35 13.93 4.45
C LEU A 183 -19.74 15.06 5.22
N LEU A 184 -19.68 14.88 6.53
CA LEU A 184 -19.05 15.85 7.39
C LEU A 184 -18.03 15.18 8.32
N SER A 185 -16.80 15.72 8.36
CA SER A 185 -15.78 15.12 9.16
C SER A 185 -15.11 16.13 10.03
N LEU A 186 -15.31 15.94 11.33
CA LEU A 186 -14.74 16.81 12.33
C LEU A 186 -13.74 16.10 13.27
N SER A 187 -13.39 14.86 12.94
CA SER A 187 -12.55 14.03 13.79
C SER A 187 -11.27 14.71 14.15
N PHE A 188 -10.76 14.39 15.34
CA PHE A 188 -9.44 14.89 15.77
C PHE A 188 -9.46 16.40 15.88
N ASN A 189 -10.49 16.78 16.60
CA ASN A 189 -10.70 18.13 17.11
C ASN A 189 -11.40 17.98 18.47
N SER A 190 -11.26 19.00 19.30
CA SER A 190 -11.93 19.05 20.60
C SER A 190 -13.30 19.71 20.48
N LEU A 191 -14.32 18.90 20.45
CA LEU A 191 -15.69 19.36 20.32
C LEU A 191 -16.45 19.30 21.66
N SER A 192 -16.38 18.19 22.35
CA SER A 192 -16.98 18.05 23.66
C SER A 192 -18.44 17.64 23.59
N HIS A 193 -19.13 18.05 22.53
CA HIS A 193 -20.41 17.42 22.15
C HIS A 193 -20.75 17.48 20.67
N VAL A 194 -21.71 16.64 20.29
CA VAL A 194 -22.18 16.57 18.92
C VAL A 194 -22.80 17.92 18.59
N PRO A 195 -22.33 18.61 17.53
CA PRO A 195 -22.99 19.89 17.27
C PRO A 195 -24.49 19.67 17.01
N PRO A 196 -25.33 20.62 17.44
CA PRO A 196 -26.73 20.62 17.03
C PRO A 196 -26.90 21.31 15.68
N LYS A 197 -28.09 21.13 15.11
CA LYS A 197 -28.50 21.81 13.87
C LYS A 197 -27.64 21.30 12.72
N LEU A 198 -27.81 20.00 12.50
CA LEU A 198 -27.09 19.25 11.49
C LEU A 198 -28.08 18.93 10.38
N PRO A 199 -27.74 19.30 9.14
CA PRO A 199 -28.70 19.07 8.06
C PRO A 199 -28.98 17.58 7.94
N SER A 200 -30.23 17.22 7.62
CA SER A 200 -30.65 15.82 7.53
C SER A 200 -30.31 15.16 6.16
N SER A 201 -29.55 15.90 5.34
CA SER A 201 -28.89 15.33 4.18
C SER A 201 -27.69 14.42 4.54
N LEU A 202 -27.10 14.58 5.72
CA LEU A 202 -25.92 13.77 6.11
C LEU A 202 -26.15 12.27 5.99
N ARG A 203 -25.24 11.61 5.28
CA ARG A 203 -25.20 10.14 5.21
C ARG A 203 -23.98 9.60 5.98
N LYS A 204 -22.94 10.43 6.11
CA LYS A 204 -21.70 10.04 6.73
C LYS A 204 -21.23 11.09 7.71
N LEU A 205 -21.10 10.64 8.97
CA LEU A 205 -20.79 11.56 10.07
C LEU A 205 -19.60 11.03 10.89
N PHE A 206 -18.50 11.76 10.81
CA PHE A 206 -17.25 11.36 11.39
C PHE A 206 -16.97 12.23 12.62
N LEU A 207 -17.11 11.63 13.79
CA LEU A 207 -16.79 12.31 15.03
C LEU A 207 -15.84 11.49 15.90
N SER A 208 -14.67 11.15 15.36
CA SER A 208 -13.72 10.31 16.12
C SER A 208 -12.79 11.23 16.86
N ASN A 209 -12.42 10.83 18.08
CA ASN A 209 -11.41 11.55 18.81
C ASN A 209 -11.75 13.01 18.90
N THR A 210 -12.98 13.26 19.29
CA THR A 210 -13.47 14.63 19.47
C THR A 210 -13.78 14.97 20.93
N GLN A 211 -13.41 14.09 21.86
CA GLN A 211 -13.58 14.32 23.30
C GLN A 211 -15.03 14.47 23.72
N ILE A 212 -15.88 13.56 23.27
CA ILE A 212 -17.29 13.63 23.54
C ILE A 212 -17.69 12.49 24.45
N LYS A 213 -18.09 12.83 25.67
CA LYS A 213 -18.36 11.85 26.71
C LYS A 213 -19.74 11.27 26.55
N TYR A 214 -20.68 12.13 26.14
CA TYR A 214 -22.11 11.86 26.25
C TYR A 214 -22.83 11.97 24.90
N ILE A 215 -23.61 10.95 24.55
CA ILE A 215 -24.40 10.97 23.32
C ILE A 215 -25.85 10.98 23.74
N SER A 216 -26.47 12.16 23.58
CA SER A 216 -27.87 12.42 23.94
C SER A 216 -28.90 11.86 22.95
N GLU A 217 -30.15 11.86 23.39
CA GLU A 217 -31.24 11.27 22.64
C GLU A 217 -31.52 12.17 21.44
N GLU A 218 -31.23 13.46 21.61
CA GLU A 218 -31.52 14.45 20.60
C GLU A 218 -30.41 14.56 19.61
N ASP A 219 -29.35 13.79 19.79
CA ASP A 219 -28.07 14.10 19.17
C ASP A 219 -28.11 13.81 17.66
N PHE A 220 -28.75 12.71 17.29
CA PHE A 220 -28.85 12.32 15.87
C PHE A 220 -30.31 12.09 15.43
N LYS A 221 -31.28 12.40 16.29
CA LYS A 221 -32.67 11.94 16.11
C LYS A 221 -33.27 12.28 14.73
N GLY A 222 -32.84 13.41 14.15
CA GLY A 222 -33.30 13.83 12.83
C GLY A 222 -32.32 13.62 11.70
N LEU A 223 -31.50 12.55 11.77
CA LEU A 223 -30.56 12.18 10.71
C LEU A 223 -30.98 10.85 10.08
N ILE A 224 -32.13 10.89 9.39
CA ILE A 224 -32.76 9.65 8.90
C ILE A 224 -32.02 8.98 7.71
N ASN A 225 -31.05 9.67 7.11
CA ASN A 225 -30.25 9.09 6.03
C ASN A 225 -28.84 8.54 6.39
N LEU A 226 -28.42 8.53 7.65
CA LEU A 226 -27.03 8.19 7.98
C LEU A 226 -26.74 6.76 7.67
N THR A 227 -25.70 6.58 6.86
CA THR A 227 -25.25 5.23 6.53
C THR A 227 -24.07 4.89 7.44
N LEU A 228 -23.32 5.93 7.81
CA LEU A 228 -22.12 5.78 8.63
C LEU A 228 -22.05 6.75 9.79
N LEU A 229 -21.77 6.20 10.98
CA LEU A 229 -21.48 7.01 12.17
C LEU A 229 -20.23 6.52 12.88
N ASP A 230 -19.31 7.46 13.09
CA ASP A 230 -18.00 7.17 13.69
C ASP A 230 -17.87 7.97 14.98
N LEU A 231 -18.09 7.30 16.11
CA LEU A 231 -17.83 7.92 17.43
C LEU A 231 -16.62 7.32 18.16
N SER A 232 -15.66 6.84 17.37
CA SER A 232 -14.48 6.13 17.90
C SER A 232 -13.61 7.04 18.69
N GLY A 233 -12.91 6.47 19.69
CA GLY A 233 -11.93 7.29 20.46
C GLY A 233 -12.40 8.40 21.35
N ASN A 234 -13.67 8.31 21.72
CA ASN A 234 -14.22 9.18 22.75
C ASN A 234 -14.35 8.36 24.02
N CYS A 235 -13.79 8.83 25.13
CA CYS A 235 -13.54 7.90 26.29
C CYS A 235 -12.68 6.71 25.87
N PRO A 236 -11.41 6.99 25.50
CA PRO A 236 -10.54 6.03 24.89
C PRO A 236 -9.93 5.10 25.90
N ARG A 237 -9.66 3.86 25.49
CA ARG A 237 -8.84 2.94 26.28
C ARG A 237 -7.37 3.26 26.04
N CYS A 238 -6.71 3.91 27.00
CA CYS A 238 -5.38 4.48 26.76
C CYS A 238 -4.20 3.62 27.15
N PHE A 239 -4.40 2.46 27.78
CA PHE A 239 -3.24 1.62 28.07
C PHE A 239 -2.40 1.35 26.81
N ASN A 240 -1.11 1.60 26.87
CA ASN A 240 -0.18 1.29 25.78
C ASN A 240 -0.50 2.02 24.48
N ALA A 241 -1.11 3.19 24.56
CA ALA A 241 -1.46 3.97 23.39
C ALA A 241 -0.22 4.43 22.67
N PRO A 242 -0.23 4.31 21.33
CA PRO A 242 0.87 4.84 20.55
C PRO A 242 0.65 6.32 20.19
N PHE A 243 -0.18 6.98 20.98
CA PHE A 243 -0.43 8.40 20.83
C PHE A 243 -0.84 8.94 22.22
N PRO A 244 -0.56 10.23 22.53
CA PRO A 244 -1.06 10.91 23.74
C PRO A 244 -2.54 10.63 23.90
N CYS A 245 -2.94 10.05 25.01
CA CYS A 245 -4.26 9.54 25.16
C CYS A 245 -4.84 9.98 26.50
N VAL A 246 -5.99 10.65 26.45
CA VAL A 246 -6.65 11.15 27.66
C VAL A 246 -7.91 10.34 27.97
N PRO A 247 -7.86 9.52 29.02
CA PRO A 247 -9.05 8.80 29.35
C PRO A 247 -10.17 9.74 29.83
N CYS A 248 -11.41 9.27 29.77
CA CYS A 248 -12.50 9.98 30.43
C CYS A 248 -12.26 9.70 31.93
N ASP A 249 -12.71 10.60 32.78
CA ASP A 249 -12.55 10.43 34.22
C ASP A 249 -12.91 8.99 34.63
N GLY A 250 -11.97 8.39 35.38
CA GLY A 250 -12.11 7.03 35.87
C GLY A 250 -11.94 5.92 34.85
N GLY A 251 -11.25 6.22 33.73
CA GLY A 251 -11.29 5.31 32.54
C GLY A 251 -12.71 4.91 32.15
N ALA A 252 -13.64 5.83 32.35
CA ALA A 252 -15.06 5.52 32.16
C ALA A 252 -15.38 5.37 30.67
N SER A 253 -16.31 4.46 30.40
CA SER A 253 -16.95 4.24 29.14
C SER A 253 -17.62 5.46 28.58
N ILE A 254 -17.91 5.43 27.28
CA ILE A 254 -18.68 6.51 26.64
C ILE A 254 -20.12 6.32 27.11
N ASN A 255 -20.83 7.43 27.28
CA ASN A 255 -22.26 7.36 27.70
C ASN A 255 -23.21 7.65 26.51
N ILE A 256 -23.90 6.60 26.14
CA ILE A 256 -24.74 6.60 24.98
C ILE A 256 -26.16 6.40 25.50
N ASP A 257 -26.95 7.48 25.43
CA ASP A 257 -28.39 7.43 25.67
C ASP A 257 -29.04 6.24 24.95
N ARG A 258 -29.99 5.62 25.63
CA ARG A 258 -30.66 4.42 25.18
C ARG A 258 -31.47 4.54 23.86
N PHE A 259 -31.84 5.77 23.51
CA PHE A 259 -32.61 6.09 22.31
C PHE A 259 -31.77 7.03 21.41
N ALA A 260 -30.46 6.94 21.58
CA ALA A 260 -29.54 7.80 20.85
C ALA A 260 -29.49 7.43 19.36
N PHE A 261 -29.79 6.16 19.04
CA PHE A 261 -29.69 5.63 17.66
C PHE A 261 -31.04 5.13 17.12
N GLN A 262 -32.11 5.40 17.86
CA GLN A 262 -33.45 5.57 17.30
C GLN A 262 -33.36 6.38 16.03
N ASN A 263 -34.20 6.02 15.07
CA ASN A 263 -34.37 6.86 13.86
C ASN A 263 -33.21 6.82 12.87
N LEU A 264 -32.43 5.76 12.95
CA LEU A 264 -31.16 5.70 12.24
C LEU A 264 -31.24 4.37 11.54
N THR A 265 -32.37 4.19 10.85
CA THR A 265 -32.70 2.93 10.21
C THR A 265 -31.75 2.65 9.07
N GLN A 266 -31.04 3.67 8.60
CA GLN A 266 -30.19 3.54 7.42
C GLN A 266 -28.71 3.36 7.75
N LEU A 267 -28.38 3.08 9.01
CA LEU A 267 -26.95 2.94 9.37
C LEU A 267 -26.37 1.62 8.85
N ARG A 268 -25.19 1.74 8.28
CA ARG A 268 -24.49 0.58 7.72
C ARG A 268 -23.19 0.31 8.48
N TYR A 269 -22.48 1.39 8.78
CA TYR A 269 -21.13 1.37 9.32
C TYR A 269 -21.20 2.08 10.68
N LEU A 270 -20.92 1.36 11.77
CA LEU A 270 -20.84 1.96 13.11
C LEU A 270 -19.48 1.66 13.71
N ASN A 271 -18.75 2.72 14.03
CA ASN A 271 -17.43 2.61 14.61
C ASN A 271 -17.40 3.10 16.08
N LEU A 272 -17.30 2.15 16.99
CA LEU A 272 -17.16 2.47 18.43
C LEU A 272 -15.83 1.99 19.03
N SER A 273 -14.79 1.98 18.20
CA SER A 273 -13.43 1.69 18.62
C SER A 273 -13.02 2.61 19.73
N SER A 274 -12.29 2.05 20.70
CA SER A 274 -11.72 2.83 21.74
C SER A 274 -12.69 3.82 22.35
N THR A 275 -13.79 3.32 22.86
CA THR A 275 -14.67 4.17 23.70
C THR A 275 -14.87 3.50 25.13
N SER A 276 -13.88 2.71 25.55
CA SER A 276 -13.85 2.05 26.84
C SER A 276 -15.15 1.28 27.18
N LEU A 277 -15.77 0.68 26.18
CA LEU A 277 -17.09 0.06 26.43
C LEU A 277 -16.89 -1.24 27.16
N ARG A 278 -17.75 -1.50 28.13
CA ARG A 278 -17.81 -2.78 28.84
C ARG A 278 -19.12 -3.47 28.69
N LYS A 279 -20.16 -2.69 28.40
CA LYS A 279 -21.51 -3.22 28.14
C LYS A 279 -22.08 -2.68 26.84
N ILE A 280 -22.64 -3.58 26.03
CA ILE A 280 -23.41 -3.17 24.88
C ILE A 280 -24.92 -3.41 25.14
N ASN A 281 -25.67 -2.33 25.03
CA ASN A 281 -27.11 -2.38 25.08
C ASN A 281 -27.69 -2.88 23.74
N ALA A 282 -28.14 -4.13 23.74
CA ALA A 282 -28.76 -4.76 22.57
C ALA A 282 -29.82 -3.90 21.88
N ALA A 283 -30.49 -3.05 22.64
CA ALA A 283 -31.55 -2.19 22.10
C ALA A 283 -31.05 -1.00 21.30
N TRP A 284 -29.77 -0.69 21.38
CA TRP A 284 -29.17 0.34 20.51
C TRP A 284 -29.36 0.04 19.01
N PHE A 285 -29.49 -1.25 18.67
CA PHE A 285 -29.53 -1.76 17.30
C PHE A 285 -30.95 -2.13 16.85
N LYS A 286 -31.94 -1.78 17.68
CA LYS A 286 -33.31 -2.23 17.47
C LYS A 286 -33.81 -1.73 16.15
N ASN A 287 -33.50 -0.48 15.84
CA ASN A 287 -33.93 0.14 14.58
C ASN A 287 -32.80 0.28 13.53
N MET A 288 -31.92 -0.72 13.45
CA MET A 288 -30.87 -0.77 12.40
C MET A 288 -30.93 -2.13 11.79
N PRO A 289 -31.85 -2.34 10.84
CA PRO A 289 -31.98 -3.67 10.28
C PRO A 289 -30.96 -4.00 9.18
N HIS A 290 -30.21 -2.99 8.72
CA HIS A 290 -29.21 -3.13 7.66
C HIS A 290 -27.75 -3.14 8.18
N LEU A 291 -27.52 -3.13 9.49
CA LEU A 291 -26.16 -2.84 9.97
C LEU A 291 -25.16 -3.86 9.41
N LYS A 292 -24.09 -3.33 8.81
CA LYS A 292 -23.17 -4.17 7.99
C LYS A 292 -21.77 -4.32 8.63
N VAL A 293 -21.21 -3.21 9.08
CA VAL A 293 -19.87 -3.19 9.64
C VAL A 293 -19.93 -2.62 11.06
N LEU A 294 -19.49 -3.40 12.04
CA LEU A 294 -19.45 -2.92 13.43
C LEU A 294 -18.01 -2.98 13.98
N ASP A 295 -17.51 -1.84 14.44
CA ASP A 295 -16.14 -1.76 14.91
C ASP A 295 -16.12 -1.49 16.42
N LEU A 296 -15.77 -2.51 17.20
CA LEU A 296 -15.66 -2.44 18.68
C LEU A 296 -14.26 -2.84 19.17
N GLU A 297 -13.27 -2.42 18.42
CA GLU A 297 -11.90 -2.60 18.80
C GLU A 297 -11.53 -1.75 20.01
N PHE A 298 -10.52 -2.24 20.73
CA PHE A 298 -9.92 -1.47 21.81
C PHE A 298 -10.97 -1.00 22.82
N ASN A 299 -11.87 -1.88 23.22
CA ASN A 299 -12.77 -1.67 24.34
C ASN A 299 -12.49 -2.68 25.45
N TYR A 300 -13.45 -2.97 26.31
CA TYR A 300 -13.19 -3.96 27.36
C TYR A 300 -14.29 -5.02 27.39
N LEU A 301 -14.49 -5.67 26.24
CA LEU A 301 -15.74 -6.41 25.97
C LEU A 301 -15.62 -7.90 26.11
N VAL A 302 -14.60 -8.35 26.84
CA VAL A 302 -14.48 -9.80 27.07
C VAL A 302 -15.78 -10.40 27.64
N GLY A 303 -16.42 -9.68 28.57
CA GLY A 303 -17.69 -10.14 29.10
C GLY A 303 -18.79 -10.16 28.05
N GLU A 304 -18.90 -9.06 27.32
CA GLU A 304 -19.90 -9.02 26.25
C GLU A 304 -19.72 -10.11 25.20
N ILE A 305 -18.47 -10.49 24.93
CA ILE A 305 -18.17 -11.53 23.95
C ILE A 305 -18.72 -12.86 24.45
N ALA A 306 -18.59 -13.13 25.75
CA ALA A 306 -19.01 -14.44 26.27
C ALA A 306 -20.53 -14.56 26.45
N SER A 307 -21.20 -13.44 26.53
CA SER A 307 -22.60 -13.45 26.89
C SER A 307 -23.15 -12.13 26.49
N GLY A 308 -23.56 -12.02 25.25
CA GLY A 308 -23.80 -10.70 24.72
C GLY A 308 -25.05 -10.76 23.94
N ALA A 309 -26.06 -10.06 24.45
CA ALA A 309 -27.38 -10.02 23.81
C ALA A 309 -27.33 -9.20 22.52
N PHE A 310 -26.47 -8.20 22.43
CA PHE A 310 -26.42 -7.34 21.24
C PHE A 310 -26.18 -8.13 19.94
N LEU A 311 -25.70 -9.35 20.07
CA LEU A 311 -25.42 -10.22 18.93
C LEU A 311 -26.67 -10.85 18.31
N THR A 312 -27.77 -10.84 19.06
CA THR A 312 -29.03 -11.36 18.54
C THR A 312 -29.73 -10.28 17.73
N MET A 313 -29.24 -9.05 17.79
CA MET A 313 -29.84 -7.94 17.04
C MET A 313 -29.20 -7.65 15.67
N LEU A 314 -28.40 -8.56 15.10
CA LEU A 314 -27.61 -8.16 13.91
C LEU A 314 -27.52 -9.23 12.82
N PRO A 315 -28.67 -9.71 12.34
CA PRO A 315 -28.68 -10.77 11.36
C PRO A 315 -28.19 -10.36 9.95
N ARG A 316 -27.92 -9.08 9.69
CA ARG A 316 -27.25 -8.67 8.44
C ARG A 316 -25.80 -8.18 8.63
N LEU A 317 -25.18 -8.53 9.76
CA LEU A 317 -23.83 -8.01 9.98
C LEU A 317 -22.89 -8.84 9.17
N GLU A 318 -21.97 -8.17 8.52
CA GLU A 318 -21.03 -8.84 7.62
C GLU A 318 -19.60 -8.88 8.17
N ILE A 319 -19.20 -7.74 8.76
CA ILE A 319 -17.91 -7.52 9.38
C ILE A 319 -18.00 -7.05 10.87
N LEU A 320 -17.40 -7.84 11.77
CA LEU A 320 -17.37 -7.52 13.21
C LEU A 320 -15.94 -7.48 13.69
N ASP A 321 -15.45 -6.30 14.03
CA ASP A 321 -14.14 -6.20 14.59
C ASP A 321 -14.13 -6.06 16.12
N LEU A 322 -13.68 -7.10 16.83
CA LEU A 322 -13.63 -7.15 18.31
C LEU A 322 -12.18 -7.21 18.81
N SER A 323 -11.24 -6.66 18.03
CA SER A 323 -9.82 -6.68 18.34
C SER A 323 -9.34 -5.78 19.46
N PHE A 324 -8.33 -6.32 20.18
CA PHE A 324 -7.72 -5.65 21.30
C PHE A 324 -8.74 -5.37 22.39
N ASN A 325 -9.51 -6.38 22.72
CA ASN A 325 -10.37 -6.24 23.87
C ASN A 325 -9.78 -6.96 25.08
N TYR A 326 -8.45 -7.19 25.08
CA TYR A 326 -7.79 -7.99 26.13
C TYR A 326 -7.93 -7.36 27.52
N ILE A 327 -7.98 -8.20 28.54
CA ILE A 327 -7.94 -7.68 29.95
C ILE A 327 -6.48 -7.66 30.36
N LYS A 328 -6.01 -6.51 30.80
CA LYS A 328 -4.62 -6.40 31.15
C LYS A 328 -4.38 -7.42 32.25
N GLY A 329 -3.21 -8.02 32.27
CA GLY A 329 -2.84 -8.95 33.34
C GLY A 329 -3.49 -10.32 33.23
N SER A 330 -4.35 -10.52 32.23
CA SER A 330 -5.17 -11.72 32.16
C SER A 330 -4.84 -12.55 30.93
N TYR A 331 -4.67 -13.85 31.14
CA TYR A 331 -4.27 -14.80 30.12
C TYR A 331 -5.13 -16.07 30.20
N PRO A 332 -6.40 -15.99 29.77
CA PRO A 332 -7.31 -17.13 29.87
C PRO A 332 -6.88 -18.35 29.10
N GLN A 333 -7.32 -19.50 29.56
CA GLN A 333 -6.93 -20.70 28.87
C GLN A 333 -7.58 -20.77 27.52
N HIS A 334 -8.88 -20.48 27.49
CA HIS A 334 -9.69 -20.60 26.31
C HIS A 334 -10.31 -19.24 26.00
N ILE A 335 -10.58 -18.99 24.72
CA ILE A 335 -11.41 -17.87 24.36
C ILE A 335 -12.89 -18.21 24.62
N ASN A 336 -13.65 -17.22 25.05
CA ASN A 336 -15.03 -17.49 25.41
C ASN A 336 -16.05 -16.75 24.53
N ILE A 337 -16.63 -17.52 23.62
CA ILE A 337 -17.52 -17.02 22.58
C ILE A 337 -18.96 -17.40 22.91
N SER A 338 -19.80 -16.40 23.15
CA SER A 338 -21.21 -16.63 23.37
C SER A 338 -21.92 -17.43 22.30
N ARG A 339 -22.92 -18.21 22.72
CA ARG A 339 -23.72 -18.98 21.79
C ARG A 339 -24.39 -18.03 20.78
N ASN A 340 -24.58 -16.79 21.20
CA ASN A 340 -25.26 -15.80 20.39
C ASN A 340 -24.57 -15.46 19.05
N PHE A 341 -23.28 -15.78 18.90
CA PHE A 341 -22.59 -15.59 17.63
C PHE A 341 -23.29 -16.40 16.53
N SER A 342 -23.79 -17.58 16.87
CA SER A 342 -24.59 -18.44 15.96
C SER A 342 -25.69 -17.72 15.21
N LYS A 343 -26.10 -16.58 15.78
CA LYS A 343 -27.15 -15.77 15.25
C LYS A 343 -26.71 -14.75 14.24
N LEU A 344 -25.41 -14.68 13.91
CA LEU A 344 -24.88 -13.59 13.09
C LEU A 344 -24.80 -14.09 11.66
N LEU A 345 -25.95 -14.22 11.00
CA LEU A 345 -26.10 -15.20 9.93
C LEU A 345 -25.41 -14.78 8.65
N SER A 346 -25.31 -13.47 8.43
CA SER A 346 -24.63 -12.89 7.27
C SER A 346 -23.16 -12.54 7.53
N LEU A 347 -22.61 -13.00 8.66
CA LEU A 347 -21.25 -12.63 9.05
C LEU A 347 -20.26 -13.18 8.08
N ARG A 348 -19.35 -12.32 7.63
CA ARG A 348 -18.32 -12.73 6.62
C ARG A 348 -16.93 -12.77 7.19
N ALA A 349 -16.56 -11.69 7.88
CA ALA A 349 -15.30 -11.61 8.56
C ALA A 349 -15.47 -11.32 10.07
N LEU A 350 -14.75 -12.05 10.90
CA LEU A 350 -14.71 -11.81 12.35
C LEU A 350 -13.27 -11.61 12.78
N HIS A 351 -12.97 -10.44 13.32
CA HIS A 351 -11.63 -10.12 13.73
C HIS A 351 -11.50 -10.15 15.27
N LEU A 352 -10.64 -11.03 15.76
CA LEU A 352 -10.41 -11.15 17.19
C LEU A 352 -8.92 -11.14 17.52
N ARG A 353 -8.21 -10.10 17.10
CA ARG A 353 -6.83 -9.91 17.51
C ARG A 353 -6.80 -9.37 18.94
N GLY A 354 -5.72 -9.62 19.67
CA GLY A 354 -5.54 -9.03 21.02
C GLY A 354 -6.63 -9.33 22.04
N TYR A 355 -7.22 -10.53 21.93
CA TYR A 355 -8.08 -11.06 22.99
C TYR A 355 -7.06 -11.65 23.99
N VAL A 356 -6.21 -12.58 23.55
CA VAL A 356 -5.06 -13.07 24.31
C VAL A 356 -5.50 -14.28 25.14
N PHE A 357 -5.11 -15.46 24.69
CA PHE A 357 -5.56 -16.68 25.29
C PHE A 357 -4.64 -17.76 24.79
N GLN A 358 -4.66 -18.93 25.44
CA GLN A 358 -3.54 -19.85 25.32
C GLN A 358 -3.86 -20.92 24.37
N GLU A 359 -5.15 -21.21 24.25
CA GLU A 359 -5.58 -22.42 23.57
C GLU A 359 -6.89 -22.25 22.80
N LEU A 360 -6.90 -22.71 21.56
CA LEU A 360 -8.15 -22.76 20.81
C LEU A 360 -8.62 -24.21 20.75
N ARG A 361 -9.73 -24.50 21.40
CA ARG A 361 -10.25 -25.85 21.42
C ARG A 361 -11.34 -25.96 20.39
N GLU A 362 -11.59 -27.17 19.90
CA GLU A 362 -12.72 -27.39 18.97
C GLU A 362 -14.07 -26.83 19.48
N ASP A 363 -14.41 -27.13 20.74
CA ASP A 363 -15.68 -26.67 21.31
C ASP A 363 -15.82 -25.14 21.24
N ASP A 364 -14.73 -24.42 21.52
CA ASP A 364 -14.73 -22.93 21.62
C ASP A 364 -15.32 -22.13 20.43
N PHE A 365 -15.34 -22.76 19.25
CA PHE A 365 -15.85 -22.12 18.03
C PHE A 365 -17.11 -22.77 17.43
N GLN A 366 -17.76 -23.70 18.14
CA GLN A 366 -19.07 -24.21 17.69
C GLN A 366 -20.07 -23.12 17.24
N PRO A 367 -20.14 -21.98 17.96
CA PRO A 367 -21.14 -21.01 17.57
C PRO A 367 -20.93 -20.39 16.20
N LEU A 368 -19.73 -20.51 15.66
CA LEU A 368 -19.40 -19.90 14.39
C LEU A 368 -19.56 -20.88 13.23
N MET A 369 -19.59 -22.19 13.52
CA MET A 369 -19.41 -23.22 12.50
C MET A 369 -20.59 -23.42 11.55
N GLN A 370 -21.73 -22.88 11.90
CA GLN A 370 -22.89 -23.04 11.04
C GLN A 370 -23.12 -21.75 10.29
N LEU A 371 -22.38 -20.71 10.64
CA LEU A 371 -22.48 -19.48 9.88
C LEU A 371 -22.00 -19.74 8.45
N PRO A 372 -22.88 -19.47 7.45
CA PRO A 372 -22.68 -19.89 6.06
C PRO A 372 -21.63 -19.08 5.30
N ASN A 373 -21.59 -17.78 5.52
CA ASN A 373 -20.64 -16.90 4.81
C ASN A 373 -19.43 -16.41 5.59
N LEU A 374 -19.07 -17.14 6.62
CA LEU A 374 -17.94 -16.82 7.43
C LEU A 374 -16.71 -17.29 6.66
N SER A 375 -16.03 -16.36 6.01
CA SER A 375 -14.89 -16.76 5.20
C SER A 375 -13.58 -16.35 5.83
N THR A 376 -13.62 -15.34 6.70
CA THR A 376 -12.41 -14.85 7.40
C THR A 376 -12.44 -14.87 8.92
N ILE A 377 -11.61 -15.70 9.56
CA ILE A 377 -11.23 -15.52 10.99
C ILE A 377 -9.80 -15.02 11.19
N ASN A 378 -9.72 -13.88 11.88
CA ASN A 378 -8.51 -13.24 12.20
C ASN A 378 -8.24 -13.45 13.72
N LEU A 379 -7.24 -14.29 14.05
CA LEU A 379 -6.72 -14.48 15.44
C LEU A 379 -5.28 -14.02 15.66
N GLY A 380 -4.86 -13.05 14.88
CA GLY A 380 -3.56 -12.46 15.01
C GLY A 380 -3.32 -11.90 16.40
N ILE A 381 -2.08 -12.08 16.90
CA ILE A 381 -1.62 -11.45 18.16
C ILE A 381 -2.46 -11.80 19.39
N ASN A 382 -2.57 -13.10 19.64
CA ASN A 382 -3.30 -13.59 20.80
C ASN A 382 -2.41 -14.44 21.71
N PHE A 383 -1.11 -14.46 21.44
CA PHE A 383 -0.17 -15.37 22.09
C PHE A 383 -0.71 -16.77 22.30
N ILE A 384 -1.38 -17.31 21.32
CA ILE A 384 -1.92 -18.65 21.43
C ILE A 384 -0.81 -19.69 21.36
N LYS A 385 -0.87 -20.70 22.23
CA LYS A 385 0.15 -21.74 22.28
C LYS A 385 -0.26 -22.98 21.50
N GLN A 386 -1.53 -23.37 21.51
CA GLN A 386 -1.93 -24.57 20.74
C GLN A 386 -3.23 -24.31 20.05
N ILE A 387 -3.38 -24.84 18.85
CA ILE A 387 -4.67 -24.86 18.17
C ILE A 387 -5.01 -26.29 17.82
N ASP A 388 -6.26 -26.63 18.01
CA ASP A 388 -6.74 -27.95 17.64
C ASP A 388 -7.24 -27.76 16.22
N PHE A 389 -6.31 -27.92 15.27
CA PHE A 389 -6.51 -27.46 13.89
C PHE A 389 -7.71 -28.11 13.20
N LYS A 390 -8.05 -29.35 13.58
CA LYS A 390 -9.20 -30.03 12.97
C LYS A 390 -10.47 -29.16 12.98
N LEU A 391 -10.55 -28.20 13.89
CA LEU A 391 -11.74 -27.38 14.04
C LEU A 391 -12.09 -26.56 12.81
N PHE A 392 -11.09 -26.09 12.08
CA PHE A 392 -11.34 -25.26 10.90
C PHE A 392 -12.10 -26.02 9.78
N GLN A 393 -11.90 -27.34 9.71
CA GLN A 393 -12.65 -28.22 8.84
C GLN A 393 -14.17 -28.11 9.10
N ASN A 394 -14.60 -28.28 10.35
CA ASN A 394 -16.05 -28.31 10.68
C ASN A 394 -16.82 -27.03 10.31
N PHE A 395 -16.11 -25.94 10.00
CA PHE A 395 -16.75 -24.76 9.44
C PHE A 395 -17.31 -25.02 8.07
N SER A 396 -18.13 -24.09 7.62
CA SER A 396 -18.65 -24.14 6.28
C SER A 396 -17.57 -23.79 5.28
N ASN A 397 -17.54 -22.54 4.81
CA ASN A 397 -16.49 -22.13 3.87
C ASN A 397 -15.57 -21.06 4.45
N LEU A 398 -14.60 -21.48 5.26
CA LEU A 398 -13.48 -20.60 5.59
C LEU A 398 -12.54 -20.51 4.41
N GLU A 399 -12.10 -19.29 4.11
CA GLU A 399 -11.18 -18.99 3.00
C GLU A 399 -9.85 -18.43 3.48
N ILE A 400 -9.96 -17.55 4.48
CA ILE A 400 -8.81 -16.95 5.17
C ILE A 400 -8.78 -17.39 6.65
N ILE A 401 -7.83 -18.26 6.99
CA ILE A 401 -7.58 -18.60 8.37
C ILE A 401 -6.31 -17.84 8.79
N TYR A 402 -6.48 -16.69 9.42
CA TYR A 402 -5.34 -15.85 9.77
C TYR A 402 -4.82 -15.99 11.21
N LEU A 403 -3.64 -16.61 11.37
CA LEU A 403 -3.04 -16.92 12.70
C LEU A 403 -1.68 -16.32 12.96
N SER A 404 -1.31 -15.35 12.15
CA SER A 404 0.01 -14.79 12.30
C SER A 404 0.23 -14.25 13.70
N GLU A 405 1.47 -14.37 14.15
CA GLU A 405 1.97 -13.61 15.30
C GLU A 405 1.33 -14.14 16.58
N ASN A 406 1.47 -15.42 16.77
CA ASN A 406 1.12 -16.10 17.98
C ASN A 406 2.30 -16.85 18.57
N ARG A 407 2.04 -17.99 19.20
CA ARG A 407 3.14 -18.78 19.76
C ARG A 407 2.97 -20.26 19.46
N ILE A 408 2.44 -20.55 18.29
CA ILE A 408 2.27 -21.93 17.90
C ILE A 408 3.66 -22.47 17.61
N SER A 409 3.85 -23.75 17.93
CA SER A 409 5.16 -24.40 17.91
C SER A 409 5.00 -25.84 17.42
N PRO A 410 6.11 -26.59 17.24
CA PRO A 410 5.99 -27.90 16.57
C PRO A 410 4.85 -28.84 17.04
N ASP A 436 5.98 14.72 7.70
CA ASP A 436 4.52 14.68 7.80
C ASP A 436 3.91 13.35 7.33
N PHE A 437 2.98 12.74 8.09
CA PHE A 437 2.83 12.90 9.57
C PHE A 437 2.53 11.50 10.03
N GLU A 438 2.54 11.28 11.35
CA GLU A 438 2.64 9.93 11.84
C GLU A 438 1.43 9.20 11.36
N PHE A 439 0.29 9.83 11.54
CA PHE A 439 -0.97 9.21 11.21
C PHE A 439 -1.58 9.83 9.95
N ASP A 440 -1.84 8.98 8.97
CA ASP A 440 -2.44 9.45 7.73
C ASP A 440 -3.92 9.74 7.94
N PRO A 441 -4.29 11.04 7.83
CA PRO A 441 -5.70 11.48 7.96
C PRO A 441 -6.70 10.79 7.04
N HIS A 442 -6.23 10.11 5.99
CA HIS A 442 -7.14 9.54 5.02
C HIS A 442 -7.31 8.02 5.15
N SER A 443 -6.71 7.41 6.18
CA SER A 443 -6.90 5.97 6.37
C SER A 443 -7.47 5.71 7.73
N ASN A 444 -7.72 4.44 7.99
CA ASN A 444 -8.28 4.01 9.22
C ASN A 444 -7.26 4.05 10.35
N PHE A 445 -7.66 4.65 11.48
CA PHE A 445 -6.76 4.94 12.60
C PHE A 445 -6.44 3.75 13.49
N TYR A 446 -7.39 2.83 13.70
CA TYR A 446 -7.21 1.73 14.64
C TYR A 446 -6.55 0.47 14.07
N HIS A 447 -6.79 0.19 12.78
CA HIS A 447 -6.07 -0.89 12.09
C HIS A 447 -5.48 -0.55 10.71
N PHE A 448 -4.56 -1.41 10.25
CA PHE A 448 -4.06 -1.39 8.87
C PHE A 448 -5.22 -1.93 8.02
N THR A 449 -5.43 -1.35 6.84
CA THR A 449 -6.53 -1.79 5.96
C THR A 449 -6.08 -2.75 4.85
N ARG A 450 -4.80 -3.02 4.73
CA ARG A 450 -4.31 -3.96 3.70
C ARG A 450 -4.91 -5.35 3.93
N PRO A 451 -4.98 -6.17 2.87
CA PRO A 451 -5.57 -7.49 3.07
C PRO A 451 -4.69 -8.40 3.94
N LEU A 452 -5.29 -9.36 4.62
CA LEU A 452 -4.58 -10.09 5.65
C LEU A 452 -3.55 -10.96 4.99
N ILE A 453 -3.91 -11.43 3.82
CA ILE A 453 -3.11 -12.38 3.10
C ILE A 453 -2.92 -11.81 1.73
N LYS A 454 -1.74 -12.01 1.15
CA LYS A 454 -1.48 -11.45 -0.17
C LYS A 454 -2.52 -11.90 -1.20
N PRO A 455 -3.07 -10.94 -1.96
CA PRO A 455 -4.12 -11.33 -2.88
C PRO A 455 -3.67 -12.43 -3.82
N GLN A 456 -2.43 -12.34 -4.28
CA GLN A 456 -1.91 -13.32 -5.25
C GLN A 456 -1.85 -14.75 -4.74
N CYS A 457 -1.66 -14.88 -3.44
CA CYS A 457 -1.65 -16.16 -2.74
C CYS A 457 -3.10 -16.54 -2.43
N ALA A 458 -3.88 -15.58 -1.95
CA ALA A 458 -5.25 -15.92 -1.58
C ALA A 458 -6.08 -16.31 -2.81
N ALA A 459 -5.73 -15.77 -3.97
CA ALA A 459 -6.48 -16.05 -5.18
C ALA A 459 -6.44 -17.51 -5.56
N TYR A 460 -5.52 -18.30 -5.00
CA TYR A 460 -5.46 -19.73 -5.34
C TYR A 460 -6.44 -20.60 -4.59
N GLY A 461 -7.14 -20.04 -3.60
CA GLY A 461 -7.97 -20.87 -2.72
C GLY A 461 -7.79 -20.65 -1.23
N LYS A 462 -8.04 -21.71 -0.48
CA LYS A 462 -8.06 -21.69 0.99
C LYS A 462 -6.71 -21.36 1.59
N ALA A 463 -6.70 -20.37 2.47
CA ALA A 463 -5.47 -19.79 2.98
C ALA A 463 -5.28 -19.94 4.49
N LEU A 464 -4.07 -20.34 4.87
CA LEU A 464 -3.63 -20.50 6.25
C LEU A 464 -2.34 -19.71 6.44
N ASP A 465 -2.43 -18.64 7.21
CA ASP A 465 -1.28 -17.83 7.53
C ASP A 465 -0.86 -18.13 8.97
N LEU A 466 0.32 -18.73 9.07
CA LEU A 466 0.92 -19.12 10.32
C LEU A 466 2.21 -18.34 10.47
N SER A 467 2.34 -17.23 9.77
CA SER A 467 3.61 -16.52 9.83
C SER A 467 3.88 -16.00 11.25
N LEU A 468 5.14 -15.74 11.60
CA LEU A 468 5.50 -15.12 12.87
C LEU A 468 4.98 -15.92 14.05
N ASN A 469 5.17 -17.22 13.96
CA ASN A 469 4.98 -18.13 15.04
C ASN A 469 6.30 -18.80 15.33
N SER A 470 6.28 -19.99 15.88
CA SER A 470 7.45 -20.65 16.42
C SER A 470 7.44 -22.12 16.01
N ILE A 471 6.97 -22.36 14.80
CA ILE A 471 7.00 -23.71 14.24
C ILE A 471 8.38 -23.85 13.62
N PHE A 472 9.38 -24.03 14.47
CA PHE A 472 10.77 -24.07 14.01
C PHE A 472 11.07 -25.41 13.35
N PHE A 473 10.12 -26.33 13.39
CA PHE A 473 10.30 -27.69 12.85
C PHE A 473 8.92 -28.29 12.53
N ILE A 474 8.71 -28.66 11.28
CA ILE A 474 7.46 -29.24 10.84
C ILE A 474 7.49 -30.73 11.09
N GLY A 475 6.69 -31.19 12.04
CA GLY A 475 6.66 -32.62 12.37
C GLY A 475 5.69 -33.35 11.45
N PRO A 476 5.64 -34.69 11.59
CA PRO A 476 4.87 -35.51 10.64
C PRO A 476 3.37 -35.22 10.68
N ASN A 477 2.84 -34.91 11.87
CA ASN A 477 1.42 -34.60 12.01
C ASN A 477 1.08 -33.11 12.18
N GLN A 478 2.01 -32.24 11.80
CA GLN A 478 1.76 -30.80 11.90
C GLN A 478 0.50 -30.32 11.19
N PHE A 479 0.19 -30.92 10.03
CA PHE A 479 -0.91 -30.42 9.18
C PHE A 479 -2.07 -31.41 8.97
N GLU A 480 -2.07 -32.47 9.76
CA GLU A 480 -3.22 -33.34 9.91
C GLU A 480 -4.51 -32.50 10.04
N ASN A 481 -5.57 -32.96 9.39
CA ASN A 481 -6.93 -32.46 9.65
C ASN A 481 -7.29 -31.06 9.16
N LEU A 482 -6.46 -30.52 8.29
CA LEU A 482 -6.71 -29.18 7.79
C LEU A 482 -7.55 -29.31 6.51
N PRO A 483 -8.25 -28.23 6.14
CA PRO A 483 -8.88 -28.23 4.82
C PRO A 483 -7.81 -28.23 3.73
N ASP A 484 -8.24 -28.23 2.47
CA ASP A 484 -7.34 -28.26 1.32
C ASP A 484 -6.70 -26.87 1.20
N ILE A 485 -5.57 -26.67 1.83
CA ILE A 485 -4.95 -25.36 1.76
C ILE A 485 -4.30 -25.18 0.39
N ALA A 486 -4.58 -24.04 -0.24
CA ALA A 486 -3.91 -23.61 -1.48
C ALA A 486 -2.78 -22.57 -1.28
N CYS A 487 -2.96 -21.69 -0.29
CA CYS A 487 -2.09 -20.56 0.08
C CYS A 487 -1.61 -20.78 1.51
N LEU A 488 -0.29 -20.91 1.69
CA LEU A 488 0.32 -21.17 3.01
C LEU A 488 1.46 -20.21 3.33
N ASN A 489 1.32 -19.50 4.45
CA ASN A 489 2.41 -18.66 4.95
C ASN A 489 3.08 -19.25 6.21
N LEU A 490 4.33 -19.67 6.05
CA LEU A 490 5.15 -20.03 7.20
C LEU A 490 6.34 -19.08 7.38
N SER A 491 6.21 -17.86 6.92
CA SER A 491 7.26 -16.89 7.08
C SER A 491 7.65 -16.71 8.58
N ALA A 492 8.92 -16.51 8.87
CA ALA A 492 9.32 -16.00 10.20
C ALA A 492 8.86 -16.92 11.31
N ASN A 493 9.26 -18.16 11.22
CA ASN A 493 8.95 -19.16 12.21
C ASN A 493 10.23 -19.81 12.71
N SER A 494 11.35 -19.14 12.48
CA SER A 494 12.68 -19.64 12.84
C SER A 494 12.88 -21.09 12.45
N ASN A 495 12.48 -21.44 11.23
CA ASN A 495 12.54 -22.84 10.84
C ASN A 495 13.91 -23.14 10.23
N ALA A 496 14.60 -24.14 10.79
CA ALA A 496 15.98 -24.48 10.42
C ALA A 496 16.11 -25.91 9.93
N GLN A 497 14.99 -26.56 9.67
CA GLN A 497 15.02 -27.95 9.28
C GLN A 497 15.46 -28.17 7.83
N VAL A 498 15.71 -29.43 7.52
CA VAL A 498 16.05 -29.90 6.20
C VAL A 498 14.72 -30.45 5.70
N LEU A 499 14.05 -29.71 4.83
CA LEU A 499 12.86 -30.25 4.20
C LEU A 499 13.29 -31.43 3.31
N SER A 500 12.46 -32.48 3.28
CA SER A 500 12.84 -33.79 2.71
C SER A 500 11.79 -34.47 1.79
N GLY A 501 10.63 -33.85 1.59
CA GLY A 501 9.63 -34.38 0.67
C GLY A 501 8.37 -34.93 1.33
N THR A 502 8.36 -35.07 2.65
CA THR A 502 7.21 -35.58 3.38
C THR A 502 6.44 -34.55 4.24
N GLU A 503 7.01 -33.38 4.50
CA GLU A 503 6.47 -32.49 5.52
C GLU A 503 5.10 -31.95 5.18
N PHE A 504 4.83 -31.78 3.90
CA PHE A 504 3.55 -31.23 3.48
C PHE A 504 2.55 -32.27 2.95
N SER A 505 2.78 -33.56 3.25
CA SER A 505 1.99 -34.66 2.65
C SER A 505 0.50 -34.58 2.94
N ALA A 506 0.16 -34.03 4.11
CA ALA A 506 -1.23 -33.78 4.50
C ALA A 506 -1.91 -32.58 3.82
N ILE A 507 -1.13 -31.65 3.25
CA ILE A 507 -1.73 -30.58 2.44
C ILE A 507 -0.99 -30.50 1.11
N PRO A 508 -1.03 -31.61 0.35
CA PRO A 508 -0.26 -31.71 -0.86
C PRO A 508 -0.73 -30.78 -1.97
N HIS A 509 -1.87 -30.12 -1.85
CA HIS A 509 -2.30 -29.25 -2.96
C HIS A 509 -1.99 -27.79 -2.73
N VAL A 510 -1.03 -27.49 -1.86
CA VAL A 510 -0.57 -26.11 -1.76
C VAL A 510 -0.01 -25.64 -3.13
N LYS A 511 -0.49 -24.49 -3.58
CA LYS A 511 -0.16 -23.92 -4.87
C LYS A 511 0.74 -22.65 -4.75
N TYR A 512 0.64 -21.91 -3.65
CA TYR A 512 1.52 -20.76 -3.33
C TYR A 512 2.09 -20.97 -1.93
N LEU A 513 3.42 -21.10 -1.81
CA LEU A 513 4.09 -21.36 -0.50
C LEU A 513 5.12 -20.28 -0.09
N ASP A 514 4.88 -19.67 1.06
CA ASP A 514 5.72 -18.62 1.55
C ASP A 514 6.52 -19.16 2.73
N LEU A 515 7.82 -19.35 2.52
CA LEU A 515 8.74 -19.75 3.59
C LEU A 515 9.82 -18.71 3.78
N THR A 516 9.49 -17.46 3.53
CA THR A 516 10.48 -16.39 3.67
C THR A 516 10.96 -16.23 5.11
N ASN A 517 12.19 -15.74 5.31
CA ASN A 517 12.58 -15.23 6.65
C ASN A 517 12.67 -16.36 7.68
N ASN A 518 13.25 -17.47 7.23
CA ASN A 518 13.49 -18.60 8.09
C ASN A 518 14.99 -18.88 8.06
N ARG A 519 15.39 -20.10 8.34
CA ARG A 519 16.79 -20.45 8.21
C ARG A 519 16.87 -21.86 7.68
N LEU A 520 16.29 -22.06 6.52
CA LEU A 520 16.19 -23.43 6.03
C LEU A 520 17.60 -23.89 5.69
N ASP A 521 17.82 -25.16 6.02
CA ASP A 521 19.01 -25.93 5.75
C ASP A 521 18.67 -26.81 4.58
N PHE A 522 19.11 -26.40 3.39
CA PHE A 522 18.75 -27.07 2.19
C PHE A 522 19.70 -28.22 1.94
N ASP A 523 19.47 -29.32 2.63
CA ASP A 523 20.30 -30.47 2.54
C ASP A 523 19.57 -31.75 2.15
N ASN A 524 18.60 -31.67 1.24
CA ASN A 524 17.92 -32.87 0.71
C ASN A 524 17.18 -32.52 -0.58
N ALA A 525 17.52 -33.26 -1.63
CA ALA A 525 17.10 -32.93 -3.01
C ALA A 525 15.62 -33.20 -3.30
N SER A 526 14.94 -33.89 -2.40
CA SER A 526 13.47 -34.11 -2.53
C SER A 526 12.60 -33.07 -1.79
N ALA A 527 13.25 -32.06 -1.20
CA ALA A 527 12.55 -31.02 -0.47
C ALA A 527 11.37 -30.50 -1.25
N LEU A 528 10.23 -30.38 -0.58
CA LEU A 528 9.02 -29.80 -1.17
C LEU A 528 8.39 -30.53 -2.40
N THR A 529 8.90 -31.68 -2.79
CA THR A 529 8.47 -32.31 -4.02
C THR A 529 7.10 -32.98 -3.94
N GLU A 530 6.59 -33.14 -2.72
CA GLU A 530 5.26 -33.65 -2.49
C GLU A 530 4.23 -32.64 -2.98
N LEU A 531 4.62 -31.38 -3.14
CA LEU A 531 3.66 -30.37 -3.58
C LEU A 531 3.56 -30.30 -5.08
N SER A 532 3.03 -31.36 -5.69
CA SER A 532 3.08 -31.48 -7.14
C SER A 532 2.41 -30.33 -7.88
N ASP A 533 1.47 -29.65 -7.23
CA ASP A 533 0.76 -28.54 -7.82
C ASP A 533 1.44 -27.16 -7.60
N LEU A 534 2.62 -27.17 -6.98
CA LEU A 534 3.26 -25.90 -6.64
C LEU A 534 3.45 -25.00 -7.82
N GLU A 535 2.94 -23.76 -7.69
CA GLU A 535 3.09 -22.69 -8.70
C GLU A 535 3.93 -21.46 -8.28
N VAL A 536 3.92 -21.13 -6.98
CA VAL A 536 4.71 -20.02 -6.43
C VAL A 536 5.41 -20.43 -5.13
N LEU A 537 6.71 -20.15 -5.07
CA LEU A 537 7.52 -20.61 -3.97
C LEU A 537 8.46 -19.49 -3.59
N ASP A 538 8.33 -19.01 -2.36
CA ASP A 538 9.02 -17.80 -1.99
C ASP A 538 10.00 -18.16 -0.89
N LEU A 539 11.27 -18.08 -1.24
CA LEU A 539 12.31 -18.58 -0.38
C LEU A 539 13.23 -17.43 0.09
N SER A 540 12.76 -16.20 -0.04
CA SER A 540 13.55 -15.07 0.37
C SER A 540 13.94 -15.05 1.84
N TYR A 541 15.11 -14.46 2.10
CA TYR A 541 15.62 -14.19 3.42
C TYR A 541 15.77 -15.47 4.20
N ASN A 542 16.45 -16.44 3.58
CA ASN A 542 16.90 -17.66 4.25
C ASN A 542 18.43 -17.80 4.19
N SER A 543 19.14 -16.70 4.40
CA SER A 543 20.60 -16.71 4.20
C SER A 543 21.42 -17.46 5.25
N HIS A 544 20.83 -17.78 6.38
CA HIS A 544 21.60 -18.33 7.49
C HIS A 544 22.60 -19.38 7.04
N TYR A 545 22.12 -20.51 6.51
CA TYR A 545 22.99 -21.61 6.06
C TYR A 545 23.64 -21.39 4.68
N PHE A 546 22.99 -20.64 3.80
CA PHE A 546 23.60 -20.32 2.51
C PHE A 546 24.93 -19.60 2.71
N ARG A 547 25.01 -18.76 3.73
CA ARG A 547 26.20 -17.95 3.91
C ARG A 547 27.41 -18.81 4.39
N ILE A 548 27.20 -19.99 4.92
CA ILE A 548 28.31 -20.79 5.47
C ILE A 548 28.82 -21.78 4.43
N ALA A 549 30.09 -21.64 4.04
CA ALA A 549 30.66 -22.32 2.89
C ALA A 549 30.80 -23.84 3.07
N GLY A 550 31.01 -24.26 4.33
CA GLY A 550 31.22 -25.65 4.68
C GLY A 550 29.96 -26.45 5.03
N VAL A 551 28.80 -25.82 5.09
CA VAL A 551 27.56 -26.60 5.11
C VAL A 551 27.16 -26.83 3.67
N THR A 552 26.31 -27.82 3.46
CA THR A 552 25.89 -28.21 2.12
C THR A 552 24.69 -27.37 1.67
N HIS A 553 24.62 -27.12 0.37
CA HIS A 553 23.50 -26.42 -0.22
C HIS A 553 22.98 -27.14 -1.47
N HIS A 554 21.79 -27.74 -1.33
CA HIS A 554 21.12 -28.45 -2.45
C HIS A 554 19.84 -27.78 -2.97
N LEU A 555 19.88 -27.25 -4.19
CA LEU A 555 18.69 -26.71 -4.81
C LEU A 555 18.11 -27.56 -5.96
N GLU A 556 18.44 -28.82 -6.00
CA GLU A 556 18.08 -29.66 -7.11
C GLU A 556 16.57 -29.81 -7.27
N PHE A 557 15.85 -29.87 -6.14
CA PHE A 557 14.38 -30.01 -6.10
C PHE A 557 13.62 -29.12 -7.06
N ILE A 558 14.22 -28.00 -7.47
CA ILE A 558 13.47 -27.06 -8.27
C ILE A 558 12.91 -27.74 -9.53
N GLN A 559 13.64 -28.73 -10.03
CA GLN A 559 13.33 -29.29 -11.34
C GLN A 559 12.08 -30.18 -11.37
N ASN A 560 11.66 -30.68 -10.21
CA ASN A 560 10.58 -31.68 -10.11
C ASN A 560 9.18 -31.12 -10.26
N PHE A 561 9.06 -29.82 -10.21
CA PHE A 561 7.76 -29.18 -10.27
C PHE A 561 7.26 -28.94 -11.69
N THR A 562 6.23 -29.69 -12.08
CA THR A 562 5.71 -29.54 -13.43
C THR A 562 4.98 -28.23 -13.58
N ASN A 563 4.56 -27.60 -12.48
CA ASN A 563 3.72 -26.38 -12.59
C ASN A 563 4.32 -25.11 -11.92
N LEU A 564 5.62 -25.09 -11.68
CA LEU A 564 6.19 -23.95 -10.95
C LEU A 564 6.32 -22.80 -11.87
N LYS A 565 5.65 -21.70 -11.54
CA LYS A 565 5.71 -20.49 -12.31
C LYS A 565 6.75 -19.49 -11.76
N VAL A 566 6.67 -19.21 -10.46
CA VAL A 566 7.42 -18.15 -9.83
C VAL A 566 8.22 -18.66 -8.63
N LEU A 567 9.54 -18.43 -8.68
CA LEU A 567 10.52 -18.76 -7.66
C LEU A 567 11.36 -17.53 -7.24
N ASN A 568 11.27 -17.17 -5.98
CA ASN A 568 12.02 -16.08 -5.39
C ASN A 568 13.08 -16.67 -4.46
N LEU A 569 14.35 -16.45 -4.84
CA LEU A 569 15.52 -16.79 -4.02
C LEU A 569 16.24 -15.56 -3.53
N SER A 570 15.52 -14.43 -3.41
CA SER A 570 16.20 -13.18 -3.06
C SER A 570 16.77 -13.17 -1.67
N HIS A 571 17.82 -12.38 -1.50
CA HIS A 571 18.41 -12.12 -0.21
C HIS A 571 18.78 -13.36 0.54
N ASN A 572 19.40 -14.29 -0.18
CA ASN A 572 19.86 -15.53 0.41
C ASN A 572 21.37 -15.64 0.45
N ASN A 573 22.07 -14.61 -0.05
CA ASN A 573 23.52 -14.62 -0.11
C ASN A 573 24.10 -15.91 -0.71
N ILE A 574 23.43 -16.47 -1.71
CA ILE A 574 23.89 -17.67 -2.39
C ILE A 574 25.18 -17.41 -3.14
N TYR A 575 26.21 -18.18 -2.82
CA TYR A 575 27.45 -18.20 -3.62
C TYR A 575 28.10 -19.55 -3.77
N THR A 576 27.51 -20.62 -3.27
CA THR A 576 28.11 -21.92 -3.40
C THR A 576 27.02 -22.96 -3.26
N LEU A 577 26.96 -23.88 -4.22
CA LEU A 577 26.03 -25.00 -4.15
C LEU A 577 26.81 -26.28 -4.07
N THR A 578 26.16 -27.34 -3.62
CA THR A 578 26.83 -28.60 -3.46
C THR A 578 26.47 -29.57 -4.57
N ASP A 579 27.46 -30.14 -5.23
CA ASP A 579 27.22 -31.18 -6.23
C ASP A 579 26.59 -30.73 -7.54
N LYS A 580 25.41 -30.14 -7.47
CA LYS A 580 24.77 -29.54 -8.65
C LYS A 580 24.78 -28.02 -8.60
N TYR A 581 25.28 -27.45 -9.68
CA TYR A 581 25.58 -26.04 -9.79
C TYR A 581 24.51 -25.27 -10.55
N ASN A 582 23.51 -25.98 -11.10
CA ASN A 582 22.58 -25.38 -12.06
C ASN A 582 21.15 -25.35 -11.56
N LEU A 583 20.38 -24.37 -12.01
CA LEU A 583 18.96 -24.34 -11.72
C LEU A 583 18.16 -24.80 -12.98
N GLU A 584 17.35 -25.84 -12.79
CA GLU A 584 16.66 -26.48 -13.90
C GLU A 584 15.16 -26.52 -13.64
N SER A 585 14.39 -25.98 -14.58
CA SER A 585 12.96 -26.20 -14.65
C SER A 585 12.39 -25.95 -16.04
N LYS A 586 11.49 -26.85 -16.44
CA LYS A 586 10.83 -26.77 -17.75
C LYS A 586 9.63 -25.87 -17.73
N SER A 587 9.14 -25.55 -16.53
CA SER A 587 7.97 -24.68 -16.35
C SER A 587 8.31 -23.27 -15.94
N LEU A 588 9.31 -23.11 -15.08
CA LEU A 588 9.50 -21.80 -14.44
C LEU A 588 9.52 -20.65 -15.39
N VAL A 589 8.73 -19.63 -15.06
CA VAL A 589 8.54 -18.41 -15.86
C VAL A 589 9.37 -17.23 -15.30
N GLU A 590 9.58 -17.23 -13.99
CA GLU A 590 10.11 -16.06 -13.27
C GLU A 590 10.97 -16.47 -12.09
N LEU A 591 12.22 -16.07 -12.16
CA LEU A 591 13.21 -16.28 -11.12
C LEU A 591 13.66 -14.91 -10.60
N VAL A 592 13.61 -14.76 -9.28
CA VAL A 592 14.10 -13.58 -8.59
C VAL A 592 15.33 -14.04 -7.86
N PHE A 593 16.50 -13.62 -8.35
CA PHE A 593 17.78 -13.98 -7.72
C PHE A 593 18.58 -12.78 -7.12
N SER A 594 17.87 -11.73 -6.77
CA SER A 594 18.46 -10.55 -6.14
C SER A 594 18.97 -10.78 -4.74
N GLY A 595 19.99 -10.03 -4.36
CA GLY A 595 20.57 -10.15 -3.08
C GLY A 595 21.23 -11.46 -2.86
N ASN A 596 21.90 -11.94 -3.91
CA ASN A 596 22.81 -13.07 -3.80
C ASN A 596 24.18 -12.63 -4.28
N ARG A 597 25.06 -13.58 -4.55
CA ARG A 597 26.43 -13.30 -4.85
C ARG A 597 26.87 -13.89 -6.19
N LEU A 598 26.24 -13.49 -7.29
CA LEU A 598 26.72 -13.89 -8.61
C LEU A 598 28.13 -13.43 -8.90
N ASP A 599 28.58 -12.35 -8.24
CA ASP A 599 29.97 -11.93 -8.38
C ASP A 599 30.86 -13.08 -7.93
N ILE A 600 30.48 -13.80 -6.90
CA ILE A 600 31.26 -14.94 -6.53
C ILE A 600 31.00 -16.12 -7.44
N LEU A 601 29.73 -16.44 -7.70
CA LEU A 601 29.38 -17.59 -8.56
C LEU A 601 30.08 -17.53 -9.88
N TRP A 602 30.08 -16.35 -10.45
CA TRP A 602 30.60 -16.18 -11.78
C TRP A 602 31.98 -15.54 -11.80
N ASN A 603 32.74 -15.75 -10.74
CA ASN A 603 34.15 -15.41 -10.70
C ASN A 603 34.90 -15.93 -11.93
N ASP A 604 35.86 -15.15 -12.42
CA ASP A 604 36.55 -15.42 -13.69
C ASP A 604 37.38 -16.69 -13.69
N ASP A 605 37.90 -17.01 -12.52
CA ASP A 605 38.65 -18.24 -12.32
C ASP A 605 37.78 -19.45 -12.02
N ASP A 606 36.48 -19.40 -12.29
CA ASP A 606 35.64 -20.50 -11.89
C ASP A 606 34.54 -20.73 -12.93
N ASN A 607 34.39 -21.98 -13.35
CA ASN A 607 33.53 -22.33 -14.48
C ASN A 607 32.28 -23.03 -14.04
N ARG A 608 32.25 -23.44 -12.79
CA ARG A 608 31.22 -24.35 -12.34
C ARG A 608 29.81 -23.83 -12.50
N TYR A 609 29.63 -22.51 -12.42
CA TYR A 609 28.30 -21.90 -12.44
C TYR A 609 27.97 -21.10 -13.69
N ILE A 610 28.77 -21.30 -14.73
CA ILE A 610 28.56 -20.63 -16.01
C ILE A 610 27.21 -20.86 -16.76
N SER A 611 26.52 -21.94 -16.46
CA SER A 611 25.19 -22.19 -17.03
C SER A 611 24.10 -22.23 -15.93
N ILE A 612 24.36 -21.53 -14.82
CA ILE A 612 23.55 -21.69 -13.61
C ILE A 612 22.07 -21.65 -13.89
N PHE A 613 21.66 -20.80 -14.83
CA PHE A 613 20.25 -20.49 -15.16
C PHE A 613 19.75 -21.04 -16.51
N LYS A 614 20.63 -21.64 -17.32
CA LYS A 614 20.29 -22.09 -18.69
C LYS A 614 19.23 -23.21 -18.76
N GLY A 615 19.29 -24.16 -17.83
CA GLY A 615 18.24 -25.16 -17.66
C GLY A 615 16.85 -24.64 -17.30
N LEU A 616 16.70 -23.32 -17.16
CA LEU A 616 15.39 -22.73 -16.95
C LEU A 616 14.82 -22.38 -18.32
N LYS A 617 14.29 -23.39 -19.00
CA LYS A 617 13.99 -23.31 -20.45
C LYS A 617 12.79 -22.44 -20.82
N ASN A 618 11.93 -22.17 -19.84
CA ASN A 618 10.71 -21.40 -20.08
C ASN A 618 10.81 -19.97 -19.55
N LEU A 619 11.94 -19.63 -18.95
CA LEU A 619 12.08 -18.38 -18.19
C LEU A 619 11.89 -17.16 -19.05
N THR A 620 11.00 -16.25 -18.60
CA THR A 620 10.77 -14.98 -19.29
C THR A 620 11.12 -13.74 -18.48
N ARG A 621 11.29 -13.89 -17.17
CA ARG A 621 11.65 -12.77 -16.28
C ARG A 621 12.70 -13.27 -15.32
N LEU A 622 13.81 -12.51 -15.23
CA LEU A 622 14.92 -12.83 -14.35
C LEU A 622 15.42 -11.55 -13.69
N ASP A 623 15.70 -11.64 -12.39
CA ASP A 623 16.07 -10.48 -11.57
C ASP A 623 17.38 -10.91 -10.97
N LEU A 624 18.44 -10.27 -11.47
CA LEU A 624 19.79 -10.44 -11.02
C LEU A 624 20.29 -9.19 -10.28
N SER A 625 19.38 -8.29 -9.92
CA SER A 625 19.78 -7.09 -9.20
C SER A 625 20.50 -7.39 -7.87
N LEU A 626 21.32 -6.46 -7.40
CA LEU A 626 21.93 -6.57 -6.03
C LEU A 626 22.77 -7.84 -5.89
N ASN A 627 23.54 -8.12 -6.94
CA ASN A 627 24.48 -9.25 -6.89
C ASN A 627 25.97 -8.88 -6.82
N ARG A 628 26.26 -7.58 -6.63
CA ARG A 628 27.63 -7.02 -6.50
C ARG A 628 28.48 -7.24 -7.71
N LEU A 629 27.82 -7.26 -8.88
CA LEU A 629 28.47 -7.63 -10.15
C LEU A 629 29.24 -6.49 -10.75
N LYS A 630 30.54 -6.69 -10.92
CA LYS A 630 31.36 -5.69 -11.59
C LYS A 630 31.33 -5.92 -13.10
N HIS A 631 31.13 -7.17 -13.49
CA HIS A 631 31.11 -7.54 -14.89
C HIS A 631 30.60 -8.96 -14.97
N ILE A 632 29.92 -9.26 -16.08
CA ILE A 632 29.45 -10.61 -16.38
C ILE A 632 30.28 -11.20 -17.52
N PRO A 633 30.93 -12.35 -17.27
CA PRO A 633 31.65 -13.03 -18.35
C PRO A 633 30.73 -13.26 -19.54
N ASN A 634 31.20 -13.06 -20.76
CA ASN A 634 30.31 -13.12 -21.90
C ASN A 634 29.63 -14.48 -22.03
N GLU A 635 30.33 -15.54 -21.69
CA GLU A 635 29.82 -16.88 -21.86
C GLU A 635 28.64 -17.10 -20.88
N ALA A 636 28.76 -16.56 -19.66
CA ALA A 636 27.69 -16.71 -18.68
C ALA A 636 26.49 -15.89 -19.10
N PHE A 637 26.74 -14.74 -19.71
CA PHE A 637 25.65 -13.94 -20.21
C PHE A 637 24.99 -14.64 -21.38
N LEU A 638 25.79 -15.24 -22.23
CA LEU A 638 25.26 -15.97 -23.37
C LEU A 638 24.47 -17.19 -22.93
N ASN A 639 24.73 -17.72 -21.75
CA ASN A 639 24.00 -18.86 -21.25
C ASN A 639 22.77 -18.51 -20.41
N LEU A 640 22.31 -17.29 -20.50
CA LEU A 640 21.04 -16.93 -19.90
C LEU A 640 19.97 -17.40 -20.92
N PRO A 641 18.79 -17.82 -20.43
CA PRO A 641 17.76 -18.40 -21.29
C PRO A 641 17.34 -17.54 -22.46
N ALA A 642 17.37 -18.10 -23.67
CA ALA A 642 16.96 -17.36 -24.88
C ALA A 642 15.48 -16.97 -24.85
N SER A 643 14.69 -17.66 -24.02
CA SER A 643 13.29 -17.26 -23.73
C SER A 643 13.06 -15.91 -23.04
N LEU A 644 14.10 -15.29 -22.54
CA LEU A 644 13.88 -14.13 -21.65
C LEU A 644 13.24 -13.03 -22.42
N THR A 645 12.15 -12.47 -21.88
CA THR A 645 11.64 -11.16 -22.34
C THR A 645 11.99 -9.96 -21.45
N GLU A 646 12.44 -10.21 -20.23
CA GLU A 646 12.62 -9.13 -19.27
C GLU A 646 13.75 -9.47 -18.33
N LEU A 647 14.76 -8.60 -18.30
CA LEU A 647 15.99 -8.88 -17.56
C LEU A 647 16.39 -7.67 -16.75
N HIS A 648 16.57 -7.88 -15.44
CA HIS A 648 16.92 -6.82 -14.52
C HIS A 648 18.32 -7.17 -13.99
N ILE A 649 19.23 -6.24 -14.19
CA ILE A 649 20.55 -6.29 -13.57
C ILE A 649 20.86 -4.96 -12.83
N ASN A 650 19.82 -4.30 -12.34
CA ASN A 650 19.97 -3.01 -11.67
C ASN A 650 20.71 -3.15 -10.34
N ASP A 651 21.15 -2.02 -9.79
CA ASP A 651 21.87 -1.99 -8.51
C ASP A 651 22.92 -3.08 -8.36
N ASN A 652 23.76 -3.20 -9.39
CA ASN A 652 25.04 -3.89 -9.27
C ASN A 652 26.10 -2.81 -9.47
N MET A 653 27.31 -3.15 -9.92
CA MET A 653 28.35 -2.14 -10.13
C MET A 653 29.02 -2.33 -11.47
N LEU A 654 28.22 -2.51 -12.51
CA LEU A 654 28.76 -2.83 -13.84
C LEU A 654 29.47 -1.65 -14.43
N LYS A 655 30.71 -1.90 -14.81
CA LYS A 655 31.48 -0.89 -15.54
C LYS A 655 31.25 -1.04 -17.03
N PHE A 656 31.12 -2.30 -17.48
CA PHE A 656 30.87 -2.58 -18.90
C PHE A 656 29.66 -3.53 -19.12
N PHE A 657 29.08 -3.43 -20.31
CA PHE A 657 28.03 -4.31 -20.72
C PHE A 657 28.33 -4.67 -22.17
N ASN A 658 28.41 -5.96 -22.46
CA ASN A 658 28.59 -6.43 -23.84
C ASN A 658 27.30 -6.49 -24.65
N TRP A 659 26.96 -5.36 -25.25
CA TRP A 659 25.71 -5.20 -25.96
C TRP A 659 25.52 -6.19 -27.12
N THR A 660 26.63 -6.52 -27.75
CA THR A 660 26.65 -7.42 -28.90
C THR A 660 25.88 -8.69 -28.60
N LEU A 661 25.95 -9.12 -27.34
CA LEU A 661 25.31 -10.35 -26.92
C LEU A 661 23.78 -10.27 -26.92
N LEU A 662 23.19 -9.09 -27.00
CA LEU A 662 21.73 -9.02 -27.12
C LEU A 662 21.21 -9.66 -28.39
N GLN A 663 22.12 -10.04 -29.29
CA GLN A 663 21.77 -10.76 -30.50
C GLN A 663 21.21 -12.13 -30.25
N GLN A 664 21.66 -12.80 -29.18
CA GLN A 664 21.15 -14.15 -28.85
C GLN A 664 19.87 -14.17 -27.99
N PHE A 665 19.26 -13.01 -27.78
CA PHE A 665 18.03 -12.90 -26.98
C PHE A 665 17.02 -12.16 -27.82
N PRO A 666 16.41 -12.88 -28.77
CA PRO A 666 15.57 -12.23 -29.76
C PRO A 666 14.15 -11.92 -29.28
N ARG A 667 13.77 -12.38 -28.08
CA ARG A 667 12.46 -12.04 -27.49
C ARG A 667 12.47 -10.90 -26.44
N LEU A 668 13.65 -10.39 -26.14
CA LEU A 668 13.87 -9.48 -25.03
C LEU A 668 13.19 -8.16 -25.25
N GLU A 669 12.28 -7.79 -24.35
CA GLU A 669 11.57 -6.48 -24.42
C GLU A 669 12.03 -5.40 -23.46
N LEU A 670 12.51 -5.83 -22.28
CA LEU A 670 12.94 -4.89 -21.26
C LEU A 670 14.31 -5.26 -20.77
N LEU A 671 15.20 -4.26 -20.78
CA LEU A 671 16.52 -4.39 -20.19
C LEU A 671 16.71 -3.24 -19.19
N ASP A 672 16.99 -3.61 -17.95
CA ASP A 672 17.01 -2.70 -16.86
C ASP A 672 18.42 -2.76 -16.33
N LEU A 673 19.19 -1.70 -16.53
CA LEU A 673 20.54 -1.64 -16.00
C LEU A 673 20.74 -0.45 -15.06
N ARG A 674 19.66 0.09 -14.53
CA ARG A 674 19.71 1.23 -13.62
C ARG A 674 20.63 1.02 -12.44
N GLY A 675 21.30 2.07 -11.99
CA GLY A 675 22.11 1.96 -10.75
C GLY A 675 23.39 1.13 -10.86
N ASN A 676 24.09 1.26 -12.00
CA ASN A 676 25.41 0.65 -12.17
C ASN A 676 26.47 1.76 -12.42
N LYS A 677 27.62 1.43 -13.02
CA LYS A 677 28.65 2.44 -13.34
C LYS A 677 28.97 2.52 -14.83
N LEU A 678 27.96 2.28 -15.66
CA LEU A 678 28.21 2.21 -17.09
C LEU A 678 28.72 3.53 -17.61
N LEU A 679 29.83 3.46 -18.33
CA LEU A 679 30.52 4.59 -18.88
C LEU A 679 30.12 4.95 -20.31
N PHE A 680 29.73 3.94 -21.09
CA PHE A 680 29.58 4.06 -22.55
C PHE A 680 28.40 3.24 -23.04
N LEU A 681 27.70 3.81 -24.01
CA LEU A 681 26.71 3.11 -24.82
C LEU A 681 27.25 2.70 -26.17
N THR A 682 26.77 1.59 -26.70
CA THR A 682 27.18 1.10 -28.02
C THR A 682 26.62 2.04 -29.06
N ASP A 683 27.21 2.02 -30.25
CA ASP A 683 26.77 2.91 -31.33
C ASP A 683 25.94 2.15 -32.33
N SER A 684 25.75 0.86 -32.04
CA SER A 684 25.22 -0.07 -33.01
C SER A 684 24.14 -0.95 -32.37
N LEU A 685 23.31 -0.34 -31.53
CA LEU A 685 22.26 -1.10 -30.85
C LEU A 685 21.26 -1.77 -31.81
N SER A 686 20.75 -0.97 -32.77
CA SER A 686 19.91 -1.45 -33.88
C SER A 686 20.44 -2.72 -34.57
N ASP A 687 21.74 -2.97 -34.48
CA ASP A 687 22.28 -4.19 -35.06
C ASP A 687 22.16 -5.38 -34.15
N PHE A 688 21.93 -5.17 -32.86
CA PHE A 688 21.89 -6.32 -31.95
C PHE A 688 20.49 -6.68 -31.51
N THR A 689 19.53 -5.79 -31.75
CA THR A 689 18.17 -6.08 -31.34
C THR A 689 17.14 -5.45 -32.27
N SER A 690 16.08 -6.22 -32.54
CA SER A 690 14.85 -5.69 -33.07
C SER A 690 13.67 -5.88 -32.09
N SER A 691 13.94 -6.34 -30.85
CA SER A 691 12.86 -6.58 -29.86
C SER A 691 12.72 -5.56 -28.70
N LEU A 692 13.80 -4.87 -28.39
CA LEU A 692 13.83 -4.06 -27.19
C LEU A 692 12.85 -2.90 -27.25
N ARG A 693 11.98 -2.84 -26.23
CA ARG A 693 10.91 -1.82 -26.19
C ARG A 693 11.21 -0.80 -25.13
N THR A 694 11.82 -1.25 -24.05
CA THR A 694 12.17 -0.40 -22.92
C THR A 694 13.61 -0.63 -22.49
N LEU A 695 14.38 0.46 -22.38
CA LEU A 695 15.76 0.35 -21.92
C LEU A 695 16.00 1.37 -20.82
N LEU A 696 16.40 0.87 -19.65
CA LEU A 696 16.50 1.69 -18.45
C LEU A 696 17.93 1.78 -17.98
N LEU A 697 18.45 3.00 -18.00
CA LEU A 697 19.86 3.24 -17.77
C LEU A 697 20.14 4.30 -16.73
N SER A 698 19.15 4.63 -15.90
CA SER A 698 19.35 5.71 -14.93
C SER A 698 20.27 5.29 -13.85
N HIS A 699 20.86 6.30 -13.24
CA HIS A 699 21.99 6.15 -12.33
C HIS A 699 23.11 5.31 -12.91
N ASN A 700 23.70 5.82 -14.01
CA ASN A 700 24.98 5.37 -14.54
C ASN A 700 25.80 6.60 -14.94
N ARG A 701 26.91 6.39 -15.66
CA ARG A 701 27.89 7.43 -15.92
C ARG A 701 28.04 7.63 -17.41
N ILE A 702 26.93 7.81 -18.10
CA ILE A 702 26.96 7.92 -19.53
C ILE A 702 27.04 9.39 -19.84
N SER A 703 28.14 9.80 -20.49
CA SER A 703 28.34 11.18 -20.92
C SER A 703 28.05 11.47 -22.41
N HIS A 704 27.97 10.45 -23.24
CA HIS A 704 27.73 10.72 -24.65
C HIS A 704 26.71 9.76 -25.25
N LEU A 705 25.82 10.33 -26.07
CA LEU A 705 24.87 9.57 -26.87
C LEU A 705 25.35 9.36 -28.32
N PRO A 706 25.61 8.09 -28.68
CA PRO A 706 26.10 7.74 -30.04
C PRO A 706 25.11 8.08 -31.13
N SER A 707 25.64 8.22 -32.34
CA SER A 707 24.86 8.61 -33.52
C SER A 707 23.63 7.72 -33.76
N GLY A 708 22.56 8.37 -34.19
CA GLY A 708 21.28 7.72 -34.45
C GLY A 708 20.65 7.00 -33.27
N PHE A 709 21.06 7.30 -32.05
CA PHE A 709 20.64 6.46 -30.92
C PHE A 709 19.12 6.43 -30.68
N LEU A 710 18.45 7.56 -30.89
CA LEU A 710 16.99 7.68 -30.74
C LEU A 710 16.20 7.13 -31.93
N SER A 711 16.69 7.39 -33.14
CA SER A 711 15.95 7.08 -34.36
C SER A 711 16.03 5.63 -34.87
N GLU A 712 17.16 4.97 -34.64
CA GLU A 712 17.49 3.75 -35.39
C GLU A 712 16.92 2.43 -34.88
N VAL A 713 16.59 2.37 -33.60
CA VAL A 713 16.00 1.18 -32.97
C VAL A 713 14.49 1.24 -33.10
N SER A 714 13.94 0.35 -33.92
CA SER A 714 12.60 0.52 -34.46
C SER A 714 11.49 -0.02 -33.56
N SER A 715 11.87 -0.82 -32.56
CA SER A 715 10.92 -1.38 -31.61
C SER A 715 10.92 -0.64 -30.28
N LEU A 716 11.88 0.28 -30.11
CA LEU A 716 12.13 0.91 -28.82
C LEU A 716 11.20 2.08 -28.58
N LYS A 717 10.41 2.00 -27.51
CA LYS A 717 9.44 3.04 -27.17
C LYS A 717 9.79 3.84 -25.93
N HIS A 718 10.50 3.23 -24.98
CA HIS A 718 10.77 3.89 -23.70
C HIS A 718 12.28 3.81 -23.44
N LEU A 719 12.91 4.96 -23.24
CA LEU A 719 14.34 5.00 -22.96
C LEU A 719 14.60 5.92 -21.81
N ASP A 720 15.26 5.38 -20.77
CA ASP A 720 15.48 6.15 -19.55
C ASP A 720 16.95 6.38 -19.36
N LEU A 721 17.34 7.64 -19.49
CA LEU A 721 18.74 8.05 -19.40
C LEU A 721 18.92 9.03 -18.24
N SER A 722 17.92 9.11 -17.37
CA SER A 722 17.87 10.13 -16.32
C SER A 722 19.06 9.95 -15.42
N SER A 723 19.55 11.02 -14.80
CA SER A 723 20.60 10.88 -13.81
C SER A 723 21.79 10.11 -14.38
N ASN A 724 22.29 10.60 -15.49
CA ASN A 724 23.63 10.25 -15.95
C ASN A 724 24.51 11.49 -16.03
N LEU A 725 25.38 11.56 -17.03
CA LEU A 725 26.39 12.59 -17.12
C LEU A 725 26.39 13.26 -18.49
N LEU A 726 25.21 13.32 -19.12
CA LEU A 726 25.09 13.92 -20.44
C LEU A 726 25.18 15.44 -20.37
N LYS A 727 26.24 16.02 -20.93
CA LYS A 727 26.34 17.47 -21.00
C LYS A 727 25.44 17.98 -22.11
N THR A 728 25.29 17.18 -23.16
CA THR A 728 24.45 17.57 -24.31
C THR A 728 23.88 16.38 -25.05
N ILE A 729 23.14 16.69 -26.10
CA ILE A 729 22.73 15.68 -27.07
C ILE A 729 22.89 16.31 -28.45
N ASN A 730 23.86 15.79 -29.19
CA ASN A 730 24.21 16.32 -30.50
C ASN A 730 23.09 16.06 -31.51
N LYS A 731 23.02 16.91 -32.53
CA LYS A 731 22.08 16.70 -33.64
C LYS A 731 22.33 15.40 -34.42
N SER A 732 23.52 14.82 -34.28
CA SER A 732 23.84 13.54 -34.94
C SER A 732 23.18 12.35 -34.24
N ALA A 733 22.87 12.49 -32.95
CA ALA A 733 22.13 11.46 -32.24
C ALA A 733 20.63 11.43 -32.63
N LEU A 734 20.22 12.43 -33.41
CA LEU A 734 18.84 12.58 -33.90
C LEU A 734 18.72 12.15 -35.37
N THR A 740 11.94 8.73 -32.60
CA THR A 740 11.18 8.46 -33.83
C THR A 740 10.12 7.35 -33.67
N LYS A 741 10.48 6.20 -33.06
CA LYS A 741 9.47 5.19 -32.65
C LYS A 741 9.25 5.27 -31.13
N LEU A 742 9.96 6.24 -30.57
CA LEU A 742 10.07 6.49 -29.15
C LEU A 742 8.82 7.23 -28.75
N SER A 743 8.18 6.78 -27.67
CA SER A 743 7.08 7.52 -27.06
C SER A 743 7.46 8.21 -25.74
N MET A 744 8.54 7.73 -25.09
CA MET A 744 9.03 8.34 -23.84
C MET A 744 10.56 8.31 -23.69
N LEU A 745 11.12 9.44 -23.28
CA LEU A 745 12.56 9.60 -23.09
C LEU A 745 12.85 10.32 -21.79
N GLU A 746 13.63 9.72 -20.90
CA GLU A 746 13.83 10.36 -19.62
C GLU A 746 15.23 10.92 -19.51
N LEU A 747 15.31 12.20 -19.14
CA LEU A 747 16.57 12.96 -19.13
C LEU A 747 16.86 13.78 -17.89
N HIS A 748 15.91 13.81 -16.95
CA HIS A 748 16.10 14.62 -15.77
C HIS A 748 17.25 14.05 -14.96
N GLY A 749 18.03 14.94 -14.37
CA GLY A 749 19.15 14.55 -13.55
C GLY A 749 20.49 14.72 -14.22
N ASN A 750 20.50 15.13 -15.48
CA ASN A 750 21.77 15.28 -16.20
C ASN A 750 22.33 16.70 -16.19
N PRO A 751 23.66 16.83 -16.18
CA PRO A 751 24.26 18.17 -16.12
C PRO A 751 24.28 18.88 -17.49
N PHE A 752 23.11 19.11 -18.07
CA PHE A 752 23.05 19.67 -19.41
C PHE A 752 23.75 21.03 -19.48
N GLU A 753 24.85 21.10 -20.22
CA GLU A 753 25.50 22.39 -20.47
C GLU A 753 24.56 23.21 -21.35
N CYS A 754 24.04 24.30 -20.78
CA CYS A 754 23.15 25.21 -21.52
C CYS A 754 23.92 26.38 -22.13
N THR A 755 24.19 26.26 -23.43
CA THR A 755 24.87 27.28 -24.22
C THR A 755 24.33 27.16 -25.64
N CYS A 756 24.92 27.87 -26.58
CA CYS A 756 24.45 27.91 -27.97
C CYS A 756 24.47 26.52 -28.64
N ASP A 757 25.33 25.64 -28.14
CA ASP A 757 25.45 24.26 -28.64
C ASP A 757 24.21 23.42 -28.36
N ILE A 758 23.56 23.68 -27.23
CA ILE A 758 22.41 22.90 -26.77
C ILE A 758 21.12 23.15 -27.58
N GLY A 759 21.21 23.99 -28.62
CA GLY A 759 20.06 24.46 -29.37
C GLY A 759 19.42 23.42 -30.26
N ASP A 760 20.25 22.78 -31.07
CA ASP A 760 19.84 21.67 -31.96
C ASP A 760 18.75 20.71 -31.41
N PHE A 761 18.90 20.28 -30.15
CA PHE A 761 18.00 19.28 -29.51
C PHE A 761 16.61 19.82 -29.20
N ARG A 762 16.60 21.05 -28.71
CA ARG A 762 15.39 21.80 -28.45
C ARG A 762 14.47 21.77 -29.65
N ARG A 763 15.05 22.03 -30.83
CA ARG A 763 14.30 21.96 -32.08
C ARG A 763 13.66 20.57 -32.20
N TRP A 764 14.46 19.54 -32.03
CA TRP A 764 14.01 18.14 -32.07
C TRP A 764 12.83 17.82 -31.14
N MET A 765 12.88 18.38 -29.93
CA MET A 765 11.78 18.28 -28.98
C MET A 765 10.51 18.92 -29.56
N ASP A 766 10.66 20.14 -30.07
CA ASP A 766 9.57 20.85 -30.74
C ASP A 766 9.01 20.05 -31.92
N GLU A 767 9.90 19.32 -32.60
CA GLU A 767 9.53 18.53 -33.77
C GLU A 767 8.73 17.31 -33.34
N HIS A 768 9.10 16.70 -32.20
CA HIS A 768 8.44 15.45 -31.77
C HIS A 768 7.70 15.56 -30.44
N LEU A 769 6.46 16.06 -30.54
CA LEU A 769 5.55 16.15 -29.40
C LEU A 769 5.12 14.78 -28.89
N ASN A 770 5.18 13.76 -29.76
CA ASN A 770 4.84 12.39 -29.39
C ASN A 770 5.85 11.67 -28.49
N VAL A 771 6.87 12.37 -28.00
CA VAL A 771 7.86 11.77 -27.10
C VAL A 771 7.77 12.45 -25.74
N LYS A 772 6.97 11.86 -24.86
CA LYS A 772 6.78 12.35 -23.51
C LYS A 772 8.17 12.49 -22.89
N ILE A 773 8.46 13.65 -22.34
CA ILE A 773 9.70 13.85 -21.59
C ILE A 773 9.28 14.32 -20.20
N PRO A 774 9.30 13.42 -19.21
CA PRO A 774 8.70 13.80 -17.94
C PRO A 774 9.53 14.78 -17.14
N ARG A 775 8.90 15.42 -16.18
CA ARG A 775 9.59 16.18 -15.17
C ARG A 775 10.64 17.11 -15.78
N LEU A 776 10.20 17.86 -16.79
CA LEU A 776 11.05 18.81 -17.48
C LEU A 776 11.67 19.80 -16.51
N VAL A 777 10.92 20.13 -15.44
CA VAL A 777 11.44 20.99 -14.36
C VAL A 777 12.77 20.51 -13.80
N ASP A 778 13.00 19.20 -13.87
CA ASP A 778 14.22 18.60 -13.35
C ASP A 778 15.21 18.28 -14.47
N VAL A 779 14.83 18.65 -15.70
CA VAL A 779 15.75 18.62 -16.84
C VAL A 779 16.40 20.00 -16.92
N ILE A 780 17.58 20.08 -16.32
CA ILE A 780 18.14 21.31 -15.76
C ILE A 780 19.56 21.59 -16.22
N CYS A 781 19.77 22.84 -16.64
CA CYS A 781 21.11 23.35 -16.98
C CYS A 781 22.05 23.27 -15.78
N ALA A 782 23.27 22.81 -16.00
CA ALA A 782 24.25 22.69 -14.94
C ALA A 782 24.81 24.07 -14.62
N ARG A 788 22.67 28.00 -14.30
CA ARG A 788 22.85 26.87 -13.39
C ARG A 788 21.64 26.72 -12.47
N GLY A 789 20.61 26.08 -12.99
CA GLY A 789 19.43 25.78 -12.20
C GLY A 789 18.21 25.81 -13.08
N LYS A 790 18.17 26.76 -14.00
CA LYS A 790 17.01 26.85 -14.89
C LYS A 790 16.84 25.55 -15.68
N SER A 791 15.59 25.23 -16.02
CA SER A 791 15.29 24.16 -16.96
C SER A 791 15.92 24.45 -18.32
N ILE A 792 16.12 23.40 -19.11
CA ILE A 792 16.62 23.56 -20.48
C ILE A 792 15.57 24.25 -21.37
N VAL A 793 14.29 24.04 -21.06
CA VAL A 793 13.20 24.59 -21.87
C VAL A 793 12.98 26.13 -21.69
N SER A 794 13.93 26.82 -21.07
CA SER A 794 13.88 28.29 -20.91
C SER A 794 14.44 29.00 -22.14
#